data_1D9K
#
_entry.id   1D9K
#
_cell.length_a   97.600
_cell.length_b   345.300
_cell.length_c   97.700
_cell.angle_alpha   90.00
_cell.angle_beta   90.00
_cell.angle_gamma   90.00
#
_symmetry.space_group_name_H-M   'P 21 21 2'
#
loop_
_entity.id
_entity.type
_entity.pdbx_description
1 polymer 'T-CELL RECEPTOR D10 (ALPHA CHAIN)'
2 polymer 'T-CELL RECEPTOR D10 (BETA CHAIN)'
3 polymer 'MHC I-AK A CHAIN (ALPHA CHAIN)'
4 polymer 'MHC I-AK B CHAIN (BETA CHAIN)'
5 polymer 'CONALBUMIN PEPTIDE'
6 branched 2-acetamido-2-deoxy-alpha-D-glucopyranose-(1-4)-2-acetamido-2-deoxy-beta-D-glucopyranose
7 non-polymer 2-acetamido-2-deoxy-beta-D-glucopyranose
#
loop_
_entity_poly.entity_id
_entity_poly.type
_entity_poly.pdbx_seq_one_letter_code
_entity_poly.pdbx_strand_id
1 'polypeptide(L)'
;QVRQSPQSLTVWEGETTILNCSYEDSTFDYFPWYRQFPGKSPALLIAISLVSNKKEDGRFTIFFNKREKKLSLHITDSQP
GDSATYFCAATGSFNKLTFGAGTRLAVSPY
;
A,E
2 'polypeptide(L)'
;AVTQSPRNKVAVTGGKVTLSCNQTNNHNNMYWYRQDTGHGLRLIHYSYGAGSTEKGDIPDGYKASRPSQENFSLILELAT
PSQTSVYFCASGGQGRAEQFFGPGTRLTVLGS
;
B,F
3 'polypeptide(L)'
;IEADHVGSYGITVYQSPGDIGQYTFEFDGDELFYVDLDKKETVWMLPEFAQLRRFEPQGGLQNIATGKHNLEILTKRSNS
TPATNEAPQATVFPKSPVLLGQPNTLICFVDNIFPPVINITWLRNSKSVTDGVYETSFFVNRDYSFHKLSYLTFIPSDDD
IYDCKVEHWGLEEPVLKHWEPEI
;
C,G
4 'polypeptide(L)'
;GSERHFVHQFQPFCYFTNGTQRIRLVIRYIYNREEYVRFDSDVGEYRAVTELGRPDAEYWNKQYLERTRAELDTVCRHNY
EKTETPTSLRRLEQPSVVISLSRTEALNHHNTLVCSVTDFYPAKIKVRWFRNGQEETVGVSSTQLIRNGDWTFQVLVMLE
MTPRRGEVYTCHVEHPSLKSPITVEWRA
;
D,H
5 'polypeptide(L)' GNSHRGAIEWEGIESG P,Q
#
# COMPACT_ATOMS: atom_id res chain seq x y z
N GLN A 1 -23.28 -7.21 -3.09
CA GLN A 1 -22.75 -6.98 -1.71
C GLN A 1 -21.44 -6.20 -1.73
N VAL A 2 -21.09 -5.60 -0.60
CA VAL A 2 -19.86 -4.81 -0.49
C VAL A 2 -19.21 -5.05 0.88
N ARG A 3 -17.87 -5.02 0.92
CA ARG A 3 -17.16 -5.24 2.16
C ARG A 3 -16.09 -4.19 2.43
N GLN A 4 -16.00 -3.75 3.68
CA GLN A 4 -15.02 -2.77 4.10
C GLN A 4 -14.23 -3.39 5.26
N SER A 5 -12.96 -3.70 5.01
CA SER A 5 -12.09 -4.32 5.99
C SER A 5 -11.80 -3.50 7.25
N PRO A 6 -11.43 -2.22 7.07
CA PRO A 6 -11.12 -1.31 8.18
C PRO A 6 -11.94 -1.48 9.46
N GLN A 7 -13.25 -1.22 9.39
CA GLN A 7 -14.16 -1.34 10.53
C GLN A 7 -13.57 -0.90 11.87
N SER A 8 -14.02 0.25 12.33
CA SER A 8 -13.54 0.83 13.59
C SER A 8 -12.06 1.18 13.47
N LEU A 9 -11.74 2.46 13.54
CA LEU A 9 -10.37 2.91 13.42
C LEU A 9 -10.09 4.18 14.22
N THR A 10 -8.82 4.38 14.57
CA THR A 10 -8.39 5.57 15.30
C THR A 10 -7.00 5.93 14.82
N VAL A 11 -6.77 7.21 14.56
CA VAL A 11 -5.47 7.65 14.08
C VAL A 11 -5.05 8.98 14.69
N TRP A 12 -3.76 9.26 14.62
CA TRP A 12 -3.21 10.50 15.17
C TRP A 12 -3.26 11.61 14.16
N GLU A 13 -3.94 12.66 14.60
CA GLU A 13 -4.07 13.84 13.79
C GLU A 13 -2.84 14.02 13.01
N GLY A 14 -2.76 13.20 12.06
CA GLY A 14 -1.65 13.25 11.20
C GLY A 14 -1.79 12.27 10.09
N GLU A 15 -1.66 11.08 10.46
CA GLU A 15 -1.30 10.07 9.51
C GLU A 15 -2.34 9.67 8.55
N THR A 16 -1.93 8.90 7.64
CA THR A 16 -2.85 8.68 6.64
C THR A 16 -3.83 7.64 7.04
N THR A 17 -5.06 7.94 6.71
CA THR A 17 -6.10 7.01 6.97
C THR A 17 -6.47 6.24 5.70
N ILE A 18 -6.40 4.92 5.78
CA ILE A 18 -6.72 4.06 4.66
C ILE A 18 -7.88 3.14 5.02
N LEU A 19 -9.00 3.32 4.32
CA LEU A 19 -10.17 2.49 4.53
C LEU A 19 -10.32 1.67 3.27
N ASN A 20 -10.41 0.35 3.42
CA ASN A 20 -10.53 -0.52 2.28
C ASN A 20 -11.96 -0.95 1.99
N CYS A 21 -12.22 -1.24 0.72
CA CYS A 21 -13.54 -1.66 0.29
C CYS A 21 -13.37 -2.75 -0.77
N SER A 22 -14.45 -3.48 -1.03
CA SER A 22 -14.42 -4.55 -2.02
C SER A 22 -15.83 -4.89 -2.48
N TYR A 23 -15.94 -5.43 -3.69
CA TYR A 23 -17.23 -5.80 -4.24
C TYR A 23 -17.03 -6.94 -5.24
N GLU A 24 -18.13 -7.54 -5.71
CA GLU A 24 -18.02 -8.66 -6.63
C GLU A 24 -18.76 -8.52 -7.94
N ASP A 25 -20.00 -8.04 -7.88
CA ASP A 25 -20.81 -7.87 -9.08
C ASP A 25 -20.09 -7.09 -10.17
N SER A 26 -19.66 -7.81 -11.20
CA SER A 26 -18.95 -7.23 -12.34
C SER A 26 -19.86 -6.27 -13.10
N THR A 27 -21.10 -6.16 -12.65
CA THR A 27 -22.08 -5.26 -13.26
C THR A 27 -21.83 -3.87 -12.71
N PHE A 28 -21.11 -3.82 -11.59
CA PHE A 28 -20.81 -2.57 -10.91
C PHE A 28 -19.82 -1.65 -11.60
N ASP A 29 -20.22 -0.39 -11.68
CA ASP A 29 -19.43 0.67 -12.27
C ASP A 29 -19.70 1.84 -11.36
N TYR A 30 -18.75 2.75 -11.23
CA TYR A 30 -18.94 3.91 -10.40
C TYR A 30 -19.22 3.58 -8.94
N PHE A 31 -18.29 3.95 -8.06
CA PHE A 31 -18.41 3.69 -6.63
C PHE A 31 -18.13 4.95 -5.82
N PRO A 32 -19.18 5.51 -5.17
CA PRO A 32 -19.02 6.72 -4.37
C PRO A 32 -18.92 6.34 -2.90
N TRP A 33 -18.34 7.23 -2.11
CA TRP A 33 -18.20 7.00 -0.68
C TRP A 33 -19.01 8.06 0.04
N TYR A 34 -19.65 7.67 1.13
CA TYR A 34 -20.44 8.61 1.91
C TYR A 34 -19.83 8.63 3.30
N ARG A 35 -19.96 9.74 4.00
CA ARG A 35 -19.41 9.84 5.34
C ARG A 35 -20.47 10.34 6.30
N GLN A 36 -20.75 9.54 7.32
CA GLN A 36 -21.74 9.91 8.31
C GLN A 36 -21.09 10.50 9.54
N PHE A 37 -21.51 11.70 9.90
CA PHE A 37 -20.98 12.38 11.08
C PHE A 37 -21.81 12.02 12.30
N PRO A 38 -21.17 11.57 13.37
CA PRO A 38 -21.85 11.19 14.61
C PRO A 38 -23.13 11.98 14.86
N GLY A 39 -24.26 11.29 14.86
CA GLY A 39 -25.54 11.93 15.11
C GLY A 39 -26.15 12.68 13.94
N LYS A 40 -25.63 12.47 12.73
CA LYS A 40 -26.14 13.15 11.55
C LYS A 40 -26.26 12.19 10.35
N SER A 41 -26.97 12.61 9.31
CA SER A 41 -27.19 11.78 8.13
C SER A 41 -26.00 11.67 7.18
N PRO A 42 -25.96 10.58 6.40
CA PRO A 42 -24.88 10.34 5.44
C PRO A 42 -24.91 11.35 4.29
N ALA A 43 -23.73 11.67 3.78
CA ALA A 43 -23.61 12.60 2.66
C ALA A 43 -22.52 12.05 1.76
N LEU A 44 -22.63 12.32 0.46
CA LEU A 44 -21.63 11.82 -0.48
C LEU A 44 -20.27 12.43 -0.16
N LEU A 45 -19.24 11.93 -0.83
CA LEU A 45 -17.88 12.41 -0.65
C LEU A 45 -16.91 11.40 -1.38
N ILE A 46 -16.39 11.87 -2.51
CA ILE A 46 -15.40 11.22 -3.46
C ILE A 46 -15.72 9.78 -3.87
N ALA A 47 -16.14 9.83 -5.14
CA ALA A 47 -16.61 8.73 -6.02
C ALA A 47 -15.69 8.56 -7.26
N ILE A 48 -15.71 7.32 -7.74
CA ILE A 48 -14.87 6.88 -8.89
C ILE A 48 -15.54 5.80 -9.72
N SER A 49 -15.19 5.77 -11.00
CA SER A 49 -15.72 4.76 -11.92
C SER A 49 -14.52 3.93 -12.38
N LEU A 50 -14.73 2.64 -12.62
CA LEU A 50 -13.63 1.77 -13.03
C LEU A 50 -12.83 2.31 -14.21
N VAL A 51 -13.40 3.25 -14.94
CA VAL A 51 -12.71 3.84 -16.09
C VAL A 51 -11.28 4.22 -15.74
N SER A 52 -11.11 4.99 -14.66
CA SER A 52 -9.78 5.41 -14.24
C SER A 52 -9.37 4.59 -13.01
N ASN A 53 -8.21 4.90 -12.43
CA ASN A 53 -7.73 4.16 -11.27
C ASN A 53 -7.30 5.02 -10.08
N LYS A 54 -7.77 6.26 -10.06
CA LYS A 54 -7.43 7.17 -8.98
C LYS A 54 -8.24 8.44 -9.12
N LYS A 55 -8.42 9.15 -8.01
CA LYS A 55 -9.18 10.39 -8.00
C LYS A 55 -8.84 11.15 -6.74
N GLU A 56 -8.53 12.43 -6.90
CA GLU A 56 -8.19 13.26 -5.76
C GLU A 56 -9.12 14.46 -5.66
N ASP A 57 -9.31 14.90 -4.42
CA ASP A 57 -10.13 16.05 -4.09
C ASP A 57 -9.65 16.38 -2.69
N GLY A 58 -8.59 17.18 -2.63
CA GLY A 58 -8.01 17.50 -1.35
C GLY A 58 -7.27 16.26 -0.92
N ARG A 59 -7.14 16.05 0.38
CA ARG A 59 -6.45 14.88 0.90
C ARG A 59 -7.23 13.60 0.66
N PHE A 60 -8.49 13.74 0.26
CA PHE A 60 -9.32 12.58 -0.02
C PHE A 60 -8.96 12.02 -1.39
N THR A 61 -8.60 10.74 -1.42
CA THR A 61 -8.20 10.09 -2.66
C THR A 61 -8.70 8.64 -2.70
N ILE A 62 -9.17 8.21 -3.86
CA ILE A 62 -9.64 6.84 -4.02
C ILE A 62 -8.72 6.09 -4.97
N PHE A 63 -8.34 4.89 -4.56
CA PHE A 63 -7.49 4.04 -5.39
C PHE A 63 -8.35 2.83 -5.73
N PHE A 64 -8.49 2.56 -7.03
CA PHE A 64 -9.30 1.46 -7.49
C PHE A 64 -8.49 0.43 -8.29
N ASN A 65 -8.78 -0.86 -8.06
CA ASN A 65 -8.12 -1.98 -8.73
C ASN A 65 -9.17 -2.85 -9.43
N LYS A 66 -9.05 -3.03 -10.74
CA LYS A 66 -10.06 -3.79 -11.51
C LYS A 66 -10.49 -5.18 -11.03
N ARG A 67 -9.93 -6.29 -11.53
CA ARG A 67 -10.38 -7.57 -10.98
C ARG A 67 -9.72 -7.59 -9.63
N GLU A 68 -10.10 -8.55 -8.77
CA GLU A 68 -9.56 -8.55 -7.43
C GLU A 68 -10.17 -7.21 -7.11
N LYS A 69 -11.50 -7.17 -7.19
CA LYS A 69 -12.28 -5.97 -7.01
C LYS A 69 -12.11 -5.22 -5.70
N LYS A 70 -10.93 -4.62 -5.53
CA LYS A 70 -10.65 -3.85 -4.34
C LYS A 70 -10.65 -2.37 -4.66
N LEU A 71 -11.02 -1.58 -3.66
CA LEU A 71 -11.12 -0.13 -3.75
C LEU A 71 -10.69 0.35 -2.38
N SER A 72 -10.13 1.55 -2.29
CA SER A 72 -9.68 2.06 -1.00
C SER A 72 -9.51 3.57 -1.01
N LEU A 73 -10.14 4.24 -0.06
CA LEU A 73 -10.08 5.68 0.04
C LEU A 73 -9.06 6.11 1.09
N HIS A 74 -8.21 7.06 0.73
CA HIS A 74 -7.16 7.55 1.62
C HIS A 74 -7.36 8.99 2.07
N ILE A 75 -7.41 9.19 3.39
CA ILE A 75 -7.54 10.53 3.95
C ILE A 75 -6.14 10.94 4.39
N THR A 76 -5.68 12.09 3.91
CA THR A 76 -4.35 12.57 4.28
C THR A 76 -4.47 13.54 5.43
N ASP A 77 -3.39 13.66 6.19
CA ASP A 77 -3.38 14.57 7.32
C ASP A 77 -4.63 14.33 8.18
N SER A 78 -5.06 13.06 8.20
CA SER A 78 -6.25 12.68 8.95
C SER A 78 -6.37 13.58 10.16
N GLN A 79 -7.28 14.55 10.07
CA GLN A 79 -7.48 15.50 11.16
C GLN A 79 -8.68 15.12 11.98
N PRO A 80 -8.77 15.61 13.22
CA PRO A 80 -9.94 15.25 14.00
C PRO A 80 -11.05 16.04 13.34
N GLY A 81 -12.24 15.50 13.28
CA GLY A 81 -13.32 16.19 12.61
C GLY A 81 -13.59 15.43 11.33
N ASP A 82 -12.64 14.57 10.98
CA ASP A 82 -12.76 13.72 9.81
C ASP A 82 -13.35 12.43 10.36
N SER A 83 -13.39 12.36 11.69
CA SER A 83 -13.95 11.19 12.35
C SER A 83 -15.43 11.14 12.01
N ALA A 84 -15.81 10.05 11.35
CA ALA A 84 -17.19 9.82 10.93
C ALA A 84 -17.20 8.32 10.70
N THR A 85 -18.24 7.80 10.05
CA THR A 85 -18.28 6.36 9.82
C THR A 85 -17.72 5.93 8.48
N TYR A 86 -17.78 6.84 7.50
CA TYR A 86 -17.25 6.53 6.17
C TYR A 86 -17.78 5.24 5.55
N PHE A 87 -18.76 5.40 4.69
CA PHE A 87 -19.41 4.27 4.02
C PHE A 87 -18.91 4.13 2.58
N CYS A 88 -18.73 2.88 2.16
CA CYS A 88 -18.30 2.64 0.79
C CYS A 88 -19.49 2.11 0.02
N ALA A 89 -19.89 2.84 -1.03
CA ALA A 89 -21.02 2.43 -1.83
C ALA A 89 -20.55 2.05 -3.23
N ALA A 90 -21.30 1.17 -3.88
CA ALA A 90 -20.98 0.70 -5.22
C ALA A 90 -22.28 0.66 -6.00
N THR A 91 -22.22 0.59 -7.32
CA THR A 91 -23.44 0.56 -8.11
C THR A 91 -23.27 0.31 -9.60
N GLY A 92 -24.28 0.74 -10.35
CA GLY A 92 -24.31 0.60 -11.79
C GLY A 92 -25.77 0.63 -12.20
N SER A 93 -26.50 1.67 -11.77
CA SER A 93 -27.93 1.75 -12.08
C SER A 93 -28.56 3.12 -12.27
N PHE A 94 -27.78 4.19 -12.24
CA PHE A 94 -28.32 5.55 -12.37
C PHE A 94 -29.10 5.83 -11.09
N ASN A 95 -28.40 6.34 -10.09
CA ASN A 95 -29.00 6.63 -8.80
C ASN A 95 -29.69 5.40 -8.20
N LYS A 96 -29.09 4.92 -7.13
CA LYS A 96 -29.51 3.74 -6.36
C LYS A 96 -28.16 3.20 -6.01
N LEU A 97 -27.90 3.07 -4.72
CA LEU A 97 -26.62 2.56 -4.30
C LEU A 97 -26.81 1.34 -3.43
N THR A 98 -25.91 0.39 -3.62
CA THR A 98 -25.90 -0.82 -2.81
C THR A 98 -24.79 -0.41 -1.85
N PHE A 99 -25.12 -0.32 -0.56
CA PHE A 99 -24.14 0.11 0.42
C PHE A 99 -23.35 -0.97 1.12
N GLY A 100 -22.11 -0.62 1.47
CA GLY A 100 -21.25 -1.53 2.20
C GLY A 100 -21.69 -1.37 3.64
N ALA A 101 -20.89 -1.84 4.60
CA ALA A 101 -21.27 -1.74 6.00
C ALA A 101 -20.60 -0.58 6.73
N GLY A 102 -19.70 0.12 6.05
CA GLY A 102 -19.02 1.26 6.65
C GLY A 102 -17.93 0.93 7.66
N THR A 103 -17.01 1.89 7.83
CA THR A 103 -15.89 1.74 8.76
C THR A 103 -15.74 3.01 9.59
N ARG A 104 -16.25 3.00 10.81
CA ARG A 104 -16.17 4.16 11.68
C ARG A 104 -14.73 4.49 12.07
N LEU A 105 -14.34 5.74 11.80
CA LEU A 105 -13.00 6.19 12.14
C LEU A 105 -13.08 7.40 13.07
N ALA A 106 -12.05 7.57 13.89
CA ALA A 106 -11.98 8.68 14.83
C ALA A 106 -10.52 9.10 14.91
N VAL A 107 -10.27 10.39 14.74
CA VAL A 107 -8.90 10.89 14.77
C VAL A 107 -8.60 11.62 16.08
N SER A 108 -7.79 10.98 16.92
CA SER A 108 -7.39 11.57 18.20
C SER A 108 -6.41 12.68 17.84
N PRO A 109 -6.62 13.90 18.38
CA PRO A 109 -5.73 15.02 18.08
C PRO A 109 -4.70 15.32 19.16
N TYR A 110 -4.24 16.57 19.12
CA TYR A 110 -3.25 17.13 20.05
C TYR A 110 -1.84 17.08 19.49
N ALA B 1 -33.18 19.00 -0.12
CA ALA B 1 -33.66 19.22 1.27
C ALA B 1 -34.74 18.22 1.64
N VAL B 2 -34.31 17.07 2.18
CA VAL B 2 -35.22 16.02 2.58
C VAL B 2 -35.64 16.18 4.03
N THR B 3 -36.91 15.87 4.32
CA THR B 3 -37.44 16.01 5.69
C THR B 3 -38.02 14.71 6.26
N GLN B 4 -37.62 14.40 7.48
CA GLN B 4 -38.12 13.23 8.19
C GLN B 4 -38.87 13.84 9.37
N SER B 5 -40.18 14.05 9.17
CA SER B 5 -41.03 14.64 10.17
C SER B 5 -40.70 14.33 11.64
N PRO B 6 -41.10 13.16 12.16
CA PRO B 6 -40.78 12.88 13.56
C PRO B 6 -39.43 12.19 13.72
N ARG B 7 -38.59 12.77 14.56
CA ARG B 7 -37.26 12.21 14.80
C ARG B 7 -37.28 11.03 15.76
N ASN B 8 -38.23 11.02 16.69
CA ASN B 8 -38.34 9.93 17.66
C ASN B 8 -39.72 9.30 17.65
N LYS B 9 -39.78 8.04 17.20
CA LYS B 9 -41.03 7.31 17.16
C LYS B 9 -40.92 6.05 18.01
N VAL B 10 -42.02 5.66 18.64
CA VAL B 10 -42.05 4.48 19.48
C VAL B 10 -43.33 3.70 19.20
N ALA B 11 -43.30 2.40 19.47
CA ALA B 11 -44.47 1.57 19.23
C ALA B 11 -44.44 0.25 19.99
N VAL B 12 -45.61 -0.32 20.20
CA VAL B 12 -45.76 -1.60 20.90
C VAL B 12 -45.76 -2.68 19.82
N THR B 13 -45.19 -3.83 20.13
CA THR B 13 -45.15 -4.92 19.15
C THR B 13 -46.53 -5.20 18.57
N GLY B 14 -46.58 -5.51 17.28
CA GLY B 14 -47.84 -5.81 16.62
C GLY B 14 -48.73 -4.61 16.41
N GLY B 15 -48.12 -3.42 16.33
CA GLY B 15 -48.91 -2.22 16.12
C GLY B 15 -48.48 -1.39 14.92
N LYS B 16 -49.44 -1.12 14.04
CA LYS B 16 -49.18 -0.33 12.84
C LYS B 16 -48.46 0.98 13.19
N VAL B 17 -47.53 1.39 12.34
CA VAL B 17 -46.78 2.63 12.53
C VAL B 17 -46.19 3.05 11.19
N THR B 18 -46.29 4.33 10.86
CA THR B 18 -45.78 4.83 9.59
C THR B 18 -44.65 5.84 9.77
N LEU B 19 -43.85 5.97 8.72
CA LEU B 19 -42.72 6.89 8.69
C LEU B 19 -42.89 7.69 7.40
N SER B 20 -42.94 9.01 7.52
CA SER B 20 -43.14 9.86 6.35
C SER B 20 -41.92 10.65 5.93
N CYS B 21 -41.83 10.93 4.63
CA CYS B 21 -40.74 11.70 4.08
C CYS B 21 -41.32 12.80 3.21
N ASN B 22 -40.55 13.86 3.05
CA ASN B 22 -40.95 15.01 2.26
C ASN B 22 -39.67 15.60 1.67
N GLN B 23 -39.74 16.09 0.44
CA GLN B 23 -38.53 16.63 -0.18
C GLN B 23 -38.67 17.87 -1.04
N THR B 24 -38.33 19.02 -0.47
CA THR B 24 -38.37 20.26 -1.23
C THR B 24 -37.27 20.03 -2.26
N ASN B 25 -37.55 20.39 -3.52
CA ASN B 25 -36.61 20.20 -4.62
C ASN B 25 -36.89 18.86 -5.28
N ASN B 26 -37.75 18.89 -6.28
CA ASN B 26 -38.16 17.70 -7.02
C ASN B 26 -37.02 16.81 -7.49
N HIS B 27 -36.88 15.67 -6.82
CA HIS B 27 -35.89 14.65 -7.16
C HIS B 27 -36.75 13.42 -7.34
N ASN B 28 -37.13 13.16 -8.59
CA ASN B 28 -37.99 12.06 -8.95
C ASN B 28 -38.06 10.83 -8.02
N ASN B 29 -37.01 10.00 -7.98
CA ASN B 29 -37.11 8.81 -7.11
C ASN B 29 -36.52 8.93 -5.68
N MET B 30 -37.21 8.30 -4.73
CA MET B 30 -36.81 8.31 -3.31
C MET B 30 -36.44 6.91 -2.81
N TYR B 31 -36.06 6.81 -1.54
CA TYR B 31 -35.65 5.52 -0.97
C TYR B 31 -36.17 5.26 0.43
N TRP B 32 -35.54 4.32 1.14
CA TRP B 32 -35.95 3.97 2.49
C TRP B 32 -35.01 2.97 3.18
N TYR B 33 -33.99 3.48 3.86
CA TYR B 33 -33.03 2.62 4.56
C TYR B 33 -33.28 2.42 6.06
N ARG B 34 -32.43 1.61 6.69
CA ARG B 34 -32.48 1.35 8.13
C ARG B 34 -31.04 1.16 8.62
N GLN B 35 -30.61 2.06 9.50
CA GLN B 35 -29.27 2.01 10.05
C GLN B 35 -29.21 0.97 11.16
N ASP B 36 -28.30 0.01 11.02
CA ASP B 36 -28.16 -1.03 12.03
C ASP B 36 -26.70 -1.36 12.25
N THR B 37 -26.16 -0.86 13.36
CA THR B 37 -24.76 -1.08 13.71
C THR B 37 -24.39 -2.56 13.54
N GLY B 38 -23.78 -2.84 12.40
CA GLY B 38 -23.38 -4.18 12.04
C GLY B 38 -23.34 -4.16 10.53
N HIS B 39 -24.41 -3.60 9.96
CA HIS B 39 -24.53 -3.47 8.51
C HIS B 39 -25.09 -2.15 8.25
N GLY B 40 -24.35 -1.46 7.54
CA GLY B 40 -24.68 -0.13 7.25
C GLY B 40 -25.88 -0.04 6.37
N LEU B 41 -26.06 1.14 6.03
CA LEU B 41 -27.20 1.61 5.33
C LEU B 41 -28.24 0.59 4.86
N ARG B 42 -28.00 -0.44 4.20
CA ARG B 42 -29.16 -1.35 3.99
C ARG B 42 -30.52 -0.82 3.51
N LEU B 43 -30.84 -0.89 2.22
CA LEU B 43 -32.14 -0.36 1.77
C LEU B 43 -33.37 -1.27 1.76
N ILE B 44 -34.53 -0.68 2.06
CA ILE B 44 -35.82 -1.35 2.07
C ILE B 44 -36.84 -0.46 1.30
N HIS B 45 -36.94 -0.86 0.08
CA HIS B 45 -37.80 -0.33 -1.01
C HIS B 45 -37.53 1.01 -1.50
N TYR B 46 -38.23 1.38 -2.46
CA TYR B 46 -38.02 2.68 -2.88
C TYR B 46 -38.84 2.85 -4.15
N SER B 47 -39.12 4.09 -4.51
CA SER B 47 -39.92 4.36 -5.70
C SER B 47 -39.16 5.12 -6.77
N TYR B 48 -39.59 4.96 -8.01
CA TYR B 48 -38.96 5.66 -9.12
C TYR B 48 -39.71 6.97 -9.27
N GLY B 49 -41.03 6.87 -9.30
CA GLY B 49 -41.86 8.06 -9.43
C GLY B 49 -43.03 8.11 -8.47
N ALA B 50 -43.89 9.10 -8.66
CA ALA B 50 -45.05 9.33 -7.82
C ALA B 50 -45.84 8.08 -7.45
N GLY B 51 -46.36 7.36 -8.43
CA GLY B 51 -47.16 6.18 -8.14
C GLY B 51 -46.47 4.84 -8.01
N SER B 52 -45.15 4.80 -8.07
CA SER B 52 -44.43 3.53 -7.99
C SER B 52 -43.85 3.17 -6.62
N THR B 53 -43.59 1.86 -6.44
CA THR B 53 -43.02 1.31 -5.23
C THR B 53 -42.33 0.00 -5.61
N GLU B 54 -41.04 -0.10 -5.31
CA GLU B 54 -40.28 -1.29 -5.64
C GLU B 54 -39.54 -1.82 -4.41
N LYS B 55 -39.51 -3.14 -4.30
CA LYS B 55 -38.84 -3.78 -3.16
C LYS B 55 -37.38 -3.37 -3.16
N GLY B 56 -36.73 -3.50 -2.01
CA GLY B 56 -35.33 -3.16 -1.90
C GLY B 56 -34.53 -4.41 -1.64
N ASP B 57 -33.56 -4.31 -0.74
CA ASP B 57 -32.73 -5.45 -0.39
C ASP B 57 -33.34 -6.09 0.84
N ILE B 58 -34.00 -5.27 1.66
CA ILE B 58 -34.65 -5.75 2.87
C ILE B 58 -36.17 -5.64 2.79
N PRO B 59 -36.79 -5.94 1.64
CA PRO B 59 -38.24 -5.79 1.69
C PRO B 59 -38.85 -6.76 2.71
N ASP B 60 -40.17 -6.95 2.67
CA ASP B 60 -40.87 -7.81 3.61
C ASP B 60 -40.63 -7.42 5.08
N GLY B 61 -41.72 -7.09 5.77
CA GLY B 61 -41.65 -6.63 7.15
C GLY B 61 -42.01 -5.15 7.13
N TYR B 62 -42.11 -4.64 5.90
CA TYR B 62 -42.44 -3.24 5.64
C TYR B 62 -43.33 -3.12 4.41
N LYS B 63 -43.75 -1.90 4.13
CA LYS B 63 -44.60 -1.58 2.98
C LYS B 63 -44.32 -0.12 2.68
N ALA B 64 -44.26 0.22 1.39
CA ALA B 64 -43.97 1.59 1.00
C ALA B 64 -45.06 2.20 0.14
N SER B 65 -45.27 3.49 0.33
CA SER B 65 -46.27 4.21 -0.44
C SER B 65 -45.70 5.55 -0.89
N ARG B 66 -45.82 5.81 -2.19
CA ARG B 66 -45.36 7.05 -2.76
C ARG B 66 -46.63 7.80 -3.19
N PRO B 67 -47.35 8.36 -2.23
CA PRO B 67 -48.57 9.08 -2.63
C PRO B 67 -48.41 10.13 -3.71
N SER B 68 -47.23 10.74 -3.82
CA SER B 68 -47.03 11.77 -4.84
C SER B 68 -45.70 12.51 -4.72
N GLN B 69 -44.70 12.09 -5.48
CA GLN B 69 -43.39 12.75 -5.44
C GLN B 69 -43.19 13.27 -4.01
N GLU B 70 -42.73 14.50 -3.90
CA GLU B 70 -42.51 15.18 -2.62
C GLU B 70 -42.52 14.30 -1.36
N ASN B 71 -43.67 13.71 -1.07
CA ASN B 71 -43.82 12.84 0.10
C ASN B 71 -43.71 11.34 -0.21
N PHE B 72 -43.05 10.60 0.68
CA PHE B 72 -42.88 9.16 0.53
C PHE B 72 -42.90 8.53 1.92
N SER B 73 -43.92 7.69 2.18
CA SER B 73 -44.05 7.04 3.48
C SER B 73 -43.77 5.54 3.49
N LEU B 74 -43.15 5.08 4.58
CA LEU B 74 -42.80 3.67 4.77
C LEU B 74 -43.67 3.13 5.91
N ILE B 75 -44.54 2.17 5.60
CA ILE B 75 -45.46 1.61 6.59
C ILE B 75 -45.08 0.27 7.24
N LEU B 76 -45.35 0.19 8.54
CA LEU B 76 -45.07 -1.01 9.33
C LEU B 76 -46.32 -1.48 10.06
N GLU B 77 -47.15 -2.27 9.40
CA GLU B 77 -48.35 -2.78 10.03
C GLU B 77 -47.90 -4.01 10.81
N LEU B 78 -48.18 -4.02 12.11
CA LEU B 78 -47.75 -5.11 12.97
C LEU B 78 -46.26 -4.95 13.22
N ALA B 79 -45.92 -4.06 14.15
CA ALA B 79 -44.52 -3.78 14.46
C ALA B 79 -43.79 -5.03 14.95
N THR B 80 -42.51 -4.87 15.26
CA THR B 80 -41.68 -5.97 15.74
C THR B 80 -40.38 -5.40 16.29
N PRO B 81 -39.97 -5.86 17.49
CA PRO B 81 -38.72 -5.36 18.07
C PRO B 81 -37.55 -5.66 17.14
N SER B 82 -37.84 -6.39 16.07
CA SER B 82 -36.83 -6.75 15.07
C SER B 82 -36.53 -5.55 14.18
N GLN B 83 -37.54 -4.69 14.02
CA GLN B 83 -37.41 -3.48 13.21
C GLN B 83 -37.31 -2.28 14.14
N THR B 84 -36.27 -2.29 14.98
CA THR B 84 -36.07 -1.23 15.95
C THR B 84 -34.79 -0.43 15.73
N SER B 85 -34.52 -0.06 14.48
CA SER B 85 -33.33 0.70 14.17
C SER B 85 -33.62 2.17 13.87
N VAL B 86 -32.84 2.74 12.95
CA VAL B 86 -33.02 4.12 12.53
C VAL B 86 -33.42 4.11 11.06
N TYR B 87 -34.55 4.74 10.75
CA TYR B 87 -34.99 4.75 9.36
C TYR B 87 -34.61 6.05 8.68
N PHE B 88 -33.81 5.90 7.63
CA PHE B 88 -33.32 7.02 6.84
C PHE B 88 -33.98 7.07 5.48
N CYS B 89 -34.52 8.23 5.13
CA CYS B 89 -35.15 8.41 3.83
C CYS B 89 -34.15 9.20 3.01
N ALA B 90 -34.16 8.99 1.70
CA ALA B 90 -33.22 9.70 0.84
C ALA B 90 -33.74 9.82 -0.58
N SER B 91 -33.40 10.93 -1.24
CA SER B 91 -33.84 11.19 -2.60
C SER B 91 -32.66 11.36 -3.56
N GLY B 92 -32.97 11.62 -4.83
CA GLY B 92 -31.94 11.79 -5.84
C GLY B 92 -32.58 11.87 -7.22
N GLY B 93 -31.78 11.90 -8.28
CA GLY B 93 -32.37 11.97 -9.61
C GLY B 93 -31.48 12.16 -10.82
N GLN B 94 -30.19 11.87 -10.67
CA GLN B 94 -29.27 12.02 -11.81
C GLN B 94 -28.33 10.83 -11.83
N GLY B 95 -27.50 10.74 -12.86
CA GLY B 95 -26.55 9.66 -12.92
C GLY B 95 -25.68 9.90 -11.71
N ARG B 96 -24.49 9.33 -11.66
CA ARG B 96 -23.62 9.55 -10.51
C ARG B 96 -24.18 8.91 -9.24
N ALA B 97 -25.48 8.67 -9.23
CA ALA B 97 -26.14 8.07 -8.08
C ALA B 97 -25.95 8.88 -6.80
N GLU B 98 -26.10 10.19 -6.89
CA GLU B 98 -25.95 11.05 -5.72
C GLU B 98 -27.26 11.04 -4.97
N GLN B 99 -27.29 10.38 -3.81
CA GLN B 99 -28.49 10.30 -2.99
C GLN B 99 -28.44 11.33 -1.87
N PHE B 100 -29.60 11.88 -1.53
CA PHE B 100 -29.68 12.89 -0.47
C PHE B 100 -30.46 12.35 0.73
N PHE B 101 -29.75 12.11 1.82
CA PHE B 101 -30.36 11.56 3.03
C PHE B 101 -31.03 12.59 3.93
N GLY B 102 -32.15 12.18 4.51
CA GLY B 102 -32.87 13.05 5.43
C GLY B 102 -32.13 13.05 6.75
N PRO B 103 -32.69 13.65 7.81
CA PRO B 103 -32.00 13.67 9.11
C PRO B 103 -32.11 12.38 9.89
N GLY B 104 -33.14 11.60 9.63
CA GLY B 104 -33.31 10.33 10.32
C GLY B 104 -34.46 10.26 11.30
N THR B 105 -34.97 9.04 11.51
CA THR B 105 -36.07 8.80 12.44
C THR B 105 -35.76 7.54 13.23
N ARG B 106 -35.61 7.70 14.54
CA ARG B 106 -35.29 6.57 15.41
C ARG B 106 -36.58 5.85 15.83
N LEU B 107 -36.61 4.53 15.63
CA LEU B 107 -37.78 3.76 16.00
C LEU B 107 -37.45 2.71 17.05
N THR B 108 -38.24 2.70 18.12
CA THR B 108 -38.06 1.74 19.21
C THR B 108 -39.34 0.95 19.36
N VAL B 109 -39.27 -0.35 19.06
CA VAL B 109 -40.44 -1.20 19.17
C VAL B 109 -40.46 -1.84 20.55
N LEU B 110 -41.16 -1.19 21.48
CA LEU B 110 -41.28 -1.61 22.86
C LEU B 110 -41.32 -3.12 23.13
N GLY B 111 -42.47 -3.74 22.88
CA GLY B 111 -42.61 -5.16 23.11
C GLY B 111 -41.61 -5.80 24.07
N SER B 112 -40.73 -6.64 23.54
CA SER B 112 -39.72 -7.31 24.36
C SER B 112 -38.32 -6.81 24.03
N ILE C 1 -22.18 -0.63 -40.71
CA ILE C 1 -21.77 -1.30 -39.47
C ILE C 1 -21.76 -2.83 -39.49
N GLU C 2 -20.56 -3.38 -39.66
CA GLU C 2 -20.34 -4.83 -39.74
C GLU C 2 -19.58 -5.41 -38.53
N ALA C 3 -19.63 -6.73 -38.38
CA ALA C 3 -18.96 -7.43 -37.29
C ALA C 3 -19.29 -8.92 -37.33
N ASP C 4 -19.27 -9.58 -36.17
CA ASP C 4 -19.59 -10.99 -36.05
C ASP C 4 -20.93 -11.11 -35.35
N HIS C 5 -21.16 -10.24 -34.36
CA HIS C 5 -22.41 -10.25 -33.60
C HIS C 5 -22.84 -8.86 -33.15
N VAL C 6 -24.08 -8.76 -32.69
CA VAL C 6 -24.62 -7.49 -32.20
C VAL C 6 -25.60 -7.68 -31.05
N GLY C 7 -25.20 -7.19 -29.89
CA GLY C 7 -26.06 -7.29 -28.72
C GLY C 7 -26.56 -5.90 -28.39
N SER C 8 -27.88 -5.71 -28.47
CA SER C 8 -28.49 -4.42 -28.16
C SER C 8 -29.21 -4.62 -26.83
N TYR C 9 -28.50 -4.35 -25.73
CA TYR C 9 -29.04 -4.54 -24.39
C TYR C 9 -29.71 -3.34 -23.72
N GLY C 10 -31.03 -3.27 -23.83
CA GLY C 10 -31.74 -2.18 -23.19
C GLY C 10 -32.63 -1.30 -24.04
N ILE C 11 -32.97 -1.71 -25.25
CA ILE C 11 -33.84 -0.88 -26.09
C ILE C 11 -34.98 -0.43 -25.19
N THR C 12 -35.11 0.89 -25.04
CA THR C 12 -36.14 1.45 -24.19
C THR C 12 -37.03 2.42 -24.95
N VAL C 13 -38.27 1.99 -25.22
CA VAL C 13 -39.22 2.83 -25.94
C VAL C 13 -40.32 3.27 -24.98
N TYR C 14 -40.79 4.50 -25.19
CA TYR C 14 -41.86 5.05 -24.37
C TYR C 14 -42.76 5.93 -25.22
N GLN C 15 -44.07 5.80 -25.02
CA GLN C 15 -45.02 6.57 -25.79
C GLN C 15 -46.10 7.18 -24.92
N SER C 16 -46.60 8.33 -25.37
CA SER C 16 -47.66 9.04 -24.70
C SER C 16 -48.50 9.66 -25.80
N PRO C 17 -49.80 9.86 -25.56
CA PRO C 17 -50.42 9.54 -24.27
C PRO C 17 -50.52 8.03 -24.09
N GLY C 18 -50.81 7.60 -22.86
CA GLY C 18 -50.92 6.17 -22.60
C GLY C 18 -49.85 5.55 -21.74
N ASP C 19 -48.73 6.24 -21.56
CA ASP C 19 -47.63 5.72 -20.74
C ASP C 19 -47.20 4.32 -21.20
N ILE C 20 -47.20 4.10 -22.51
CA ILE C 20 -46.80 2.83 -23.08
C ILE C 20 -45.28 2.68 -23.03
N GLY C 21 -44.81 1.57 -22.45
CA GLY C 21 -43.39 1.35 -22.37
C GLY C 21 -42.95 -0.02 -22.88
N GLN C 22 -41.66 -0.15 -23.16
CA GLN C 22 -41.11 -1.41 -23.66
C GLN C 22 -39.61 -1.56 -23.42
N TYR C 23 -39.24 -2.62 -22.71
CA TYR C 23 -37.84 -2.89 -22.44
C TYR C 23 -37.46 -4.24 -23.01
N THR C 24 -36.46 -4.25 -23.88
CA THR C 24 -36.04 -5.50 -24.50
C THR C 24 -34.53 -5.67 -24.59
N PHE C 25 -34.13 -6.94 -24.70
CA PHE C 25 -32.73 -7.30 -24.84
C PHE C 25 -32.73 -8.08 -26.15
N GLU C 26 -32.02 -7.55 -27.14
CA GLU C 26 -31.96 -8.20 -28.43
C GLU C 26 -30.55 -8.67 -28.73
N PHE C 27 -30.42 -9.86 -29.29
CA PHE C 27 -29.11 -10.36 -29.64
C PHE C 27 -29.11 -10.95 -31.05
N ASP C 28 -28.27 -10.38 -31.90
CA ASP C 28 -28.16 -10.83 -33.28
C ASP C 28 -29.51 -10.86 -33.98
N GLY C 29 -30.41 -9.97 -33.57
CA GLY C 29 -31.71 -9.89 -34.20
C GLY C 29 -32.91 -10.46 -33.43
N ASP C 30 -32.73 -11.60 -32.79
CA ASP C 30 -33.84 -12.21 -32.06
C ASP C 30 -34.00 -11.68 -30.63
N GLU C 31 -35.23 -11.68 -30.14
CA GLU C 31 -35.57 -11.18 -28.81
C GLU C 31 -35.13 -12.09 -27.69
N LEU C 32 -34.10 -11.68 -26.95
CA LEU C 32 -33.59 -12.44 -25.82
C LEU C 32 -34.72 -12.53 -24.81
N PHE C 33 -35.27 -11.36 -24.49
CA PHE C 33 -36.36 -11.26 -23.54
C PHE C 33 -36.90 -9.84 -23.55
N TYR C 34 -37.78 -9.55 -22.60
CA TYR C 34 -38.36 -8.24 -22.44
C TYR C 34 -38.87 -8.21 -21.01
N VAL C 35 -39.08 -7.02 -20.45
CA VAL C 35 -39.55 -6.92 -19.07
C VAL C 35 -41.04 -6.66 -18.98
N ASP C 36 -41.74 -7.48 -18.22
CA ASP C 36 -43.18 -7.30 -18.03
C ASP C 36 -43.32 -6.18 -17.00
N LEU C 37 -43.57 -4.98 -17.50
CA LEU C 37 -43.69 -3.79 -16.66
C LEU C 37 -44.65 -3.89 -15.49
N ASP C 38 -45.85 -4.40 -15.72
CA ASP C 38 -46.83 -4.53 -14.65
C ASP C 38 -46.52 -5.70 -13.72
N LYS C 39 -46.13 -6.83 -14.30
CA LYS C 39 -45.79 -8.01 -13.51
C LYS C 39 -44.43 -7.81 -12.86
N LYS C 40 -43.68 -6.82 -13.34
CA LYS C 40 -42.36 -6.51 -12.82
C LYS C 40 -41.44 -7.73 -12.85
N GLU C 41 -41.24 -8.31 -14.03
CA GLU C 41 -40.36 -9.47 -14.16
C GLU C 41 -39.90 -9.71 -15.60
N THR C 42 -38.65 -10.15 -15.74
CA THR C 42 -38.08 -10.40 -17.07
C THR C 42 -38.71 -11.63 -17.71
N VAL C 43 -38.98 -11.54 -19.00
CA VAL C 43 -39.59 -12.63 -19.74
C VAL C 43 -38.69 -13.09 -20.89
N TRP C 44 -38.12 -14.29 -20.75
CA TRP C 44 -37.24 -14.85 -21.77
C TRP C 44 -37.97 -15.64 -22.85
N MET C 45 -37.78 -15.26 -24.11
CA MET C 45 -38.43 -15.96 -25.20
C MET C 45 -37.97 -17.42 -25.13
N LEU C 46 -36.67 -17.60 -24.95
CA LEU C 46 -36.11 -18.94 -24.82
C LEU C 46 -35.86 -19.15 -23.33
N PRO C 47 -36.83 -19.76 -22.63
CA PRO C 47 -36.82 -20.06 -21.19
C PRO C 47 -35.53 -20.64 -20.62
N GLU C 48 -35.00 -21.69 -21.27
CA GLU C 48 -33.78 -22.31 -20.80
C GLU C 48 -32.73 -21.24 -20.56
N PHE C 49 -32.56 -20.35 -21.53
CA PHE C 49 -31.60 -19.26 -21.43
C PHE C 49 -31.63 -18.60 -20.06
N ALA C 50 -32.84 -18.41 -19.54
CA ALA C 50 -33.03 -17.77 -18.24
C ALA C 50 -32.27 -18.41 -17.10
N GLN C 51 -31.83 -19.66 -17.28
CA GLN C 51 -31.09 -20.35 -16.23
C GLN C 51 -29.60 -20.04 -16.23
N LEU C 52 -29.07 -19.72 -17.40
CA LEU C 52 -27.65 -19.42 -17.55
C LEU C 52 -27.32 -17.93 -17.43
N ARG C 53 -28.35 -17.11 -17.33
CA ARG C 53 -28.18 -15.67 -17.17
C ARG C 53 -29.40 -15.09 -16.47
N ARG C 54 -29.16 -14.14 -15.57
CA ARG C 54 -30.24 -13.50 -14.83
C ARG C 54 -30.25 -12.01 -15.13
N PHE C 55 -31.42 -11.41 -15.09
CA PHE C 55 -31.55 -9.98 -15.33
C PHE C 55 -32.49 -9.32 -14.34
N GLU C 56 -32.00 -8.31 -13.65
CA GLU C 56 -32.82 -7.59 -12.70
C GLU C 56 -33.79 -6.73 -13.48
N PRO C 57 -35.08 -7.07 -13.46
CA PRO C 57 -36.06 -6.26 -14.21
C PRO C 57 -36.02 -4.84 -13.68
N GLN C 58 -35.62 -4.71 -12.42
CA GLN C 58 -35.51 -3.43 -11.75
C GLN C 58 -34.88 -2.44 -12.70
N GLY C 59 -33.67 -2.75 -13.13
CA GLY C 59 -32.96 -1.89 -14.06
C GLY C 59 -33.84 -1.49 -15.21
N GLY C 60 -34.49 -2.47 -15.83
CA GLY C 60 -35.36 -2.17 -16.96
C GLY C 60 -36.33 -1.06 -16.60
N LEU C 61 -37.02 -1.22 -15.47
CA LEU C 61 -37.99 -0.23 -15.02
C LEU C 61 -37.39 1.16 -14.96
N GLN C 62 -36.25 1.30 -14.28
CA GLN C 62 -35.60 2.60 -14.17
C GLN C 62 -35.35 3.25 -15.52
N ASN C 63 -35.04 2.42 -16.52
CA ASN C 63 -34.79 2.94 -17.86
C ASN C 63 -36.08 3.49 -18.45
N ILE C 64 -37.16 2.71 -18.37
CA ILE C 64 -38.45 3.15 -18.87
C ILE C 64 -38.79 4.42 -18.10
N ALA C 65 -38.40 4.45 -16.84
CA ALA C 65 -38.63 5.57 -15.95
C ALA C 65 -38.05 6.85 -16.53
N THR C 66 -36.76 6.80 -16.87
CA THR C 66 -36.09 7.96 -17.46
C THR C 66 -36.74 8.28 -18.79
N GLY C 67 -37.07 7.24 -19.54
CA GLY C 67 -37.74 7.45 -20.82
C GLY C 67 -38.87 8.43 -20.64
N LYS C 68 -39.80 8.10 -19.75
CA LYS C 68 -40.93 8.96 -19.47
C LYS C 68 -40.42 10.39 -19.36
N HIS C 69 -39.36 10.56 -18.60
CA HIS C 69 -38.76 11.88 -18.38
C HIS C 69 -38.29 12.48 -19.71
N ASN C 70 -37.37 11.80 -20.38
CA ASN C 70 -36.85 12.29 -21.64
C ASN C 70 -37.95 12.58 -22.67
N LEU C 71 -38.93 11.69 -22.76
CA LEU C 71 -40.02 11.88 -23.71
C LEU C 71 -40.76 13.18 -23.44
N GLU C 72 -40.54 13.77 -22.27
CA GLU C 72 -41.20 15.03 -21.92
C GLU C 72 -40.33 16.19 -22.39
N ILE C 73 -39.14 16.32 -21.81
CA ILE C 73 -38.22 17.37 -22.19
C ILE C 73 -38.20 17.46 -23.70
N LEU C 74 -37.75 16.37 -24.33
CA LEU C 74 -37.66 16.31 -25.77
C LEU C 74 -38.96 16.77 -26.42
N THR C 75 -40.08 16.41 -25.82
CA THR C 75 -41.38 16.83 -26.35
C THR C 75 -41.51 18.34 -26.15
N LYS C 76 -41.14 18.81 -24.96
CA LYS C 76 -41.20 20.24 -24.67
C LYS C 76 -40.26 20.92 -25.65
N ARG C 77 -39.00 20.51 -25.61
CA ARG C 77 -37.97 21.06 -26.49
C ARG C 77 -38.34 21.00 -27.96
N SER C 78 -39.05 19.94 -28.36
CA SER C 78 -39.46 19.77 -29.75
C SER C 78 -40.74 20.53 -30.02
N ASN C 79 -41.09 21.44 -29.11
CA ASN C 79 -42.29 22.23 -29.24
C ASN C 79 -43.49 21.38 -29.64
N SER C 80 -43.65 20.27 -28.95
CA SER C 80 -44.75 19.34 -29.16
C SER C 80 -44.88 18.76 -30.57
N THR C 81 -43.76 18.47 -31.22
CA THR C 81 -43.82 17.90 -32.56
C THR C 81 -44.27 16.44 -32.46
N PRO C 82 -45.45 16.13 -33.01
CA PRO C 82 -46.00 14.77 -32.99
C PRO C 82 -45.27 13.83 -33.93
N ALA C 83 -45.51 12.53 -33.76
CA ALA C 83 -44.89 11.53 -34.61
C ALA C 83 -45.83 11.22 -35.76
N THR C 84 -45.29 11.18 -36.97
CA THR C 84 -46.10 10.88 -38.14
C THR C 84 -46.36 9.39 -38.19
N ASN C 85 -47.58 9.01 -38.56
CA ASN C 85 -47.92 7.60 -38.64
C ASN C 85 -47.25 6.97 -39.86
N GLU C 86 -47.30 5.65 -39.91
CA GLU C 86 -46.69 4.91 -41.01
C GLU C 86 -47.58 3.70 -41.33
N ALA C 87 -47.60 3.30 -42.59
CA ALA C 87 -48.41 2.16 -43.00
C ALA C 87 -47.61 0.87 -42.92
N PRO C 88 -47.98 -0.03 -42.01
CA PRO C 88 -47.28 -1.30 -41.86
C PRO C 88 -47.53 -2.22 -43.06
N GLN C 89 -46.72 -3.27 -43.16
CA GLN C 89 -46.87 -4.24 -44.25
C GLN C 89 -46.84 -5.65 -43.69
N ALA C 90 -47.92 -6.39 -43.93
CA ALA C 90 -48.04 -7.75 -43.42
C ALA C 90 -47.43 -8.78 -44.38
N THR C 91 -47.19 -9.98 -43.85
CA THR C 91 -46.63 -11.08 -44.63
C THR C 91 -46.87 -12.35 -43.83
N VAL C 92 -47.59 -13.29 -44.42
CA VAL C 92 -47.90 -14.55 -43.74
C VAL C 92 -47.22 -15.73 -44.41
N PHE C 93 -46.57 -16.56 -43.60
CA PHE C 93 -45.88 -17.73 -44.11
C PHE C 93 -45.88 -18.82 -43.05
N PRO C 94 -45.66 -20.08 -43.47
CA PRO C 94 -45.65 -21.19 -42.52
C PRO C 94 -44.25 -21.41 -41.95
N LYS C 95 -44.16 -21.71 -40.66
CA LYS C 95 -42.87 -21.94 -40.02
C LYS C 95 -42.21 -23.14 -40.69
N SER C 96 -43.02 -24.14 -41.02
CA SER C 96 -42.54 -25.35 -41.66
C SER C 96 -43.42 -25.70 -42.86
N PRO C 97 -42.84 -26.33 -43.89
CA PRO C 97 -43.60 -26.71 -45.08
C PRO C 97 -44.99 -27.20 -44.71
N VAL C 98 -46.02 -26.57 -45.26
CA VAL C 98 -47.38 -26.99 -44.94
C VAL C 98 -47.59 -28.41 -45.41
N LEU C 99 -48.03 -29.26 -44.49
CA LEU C 99 -48.30 -30.66 -44.80
C LEU C 99 -49.62 -31.03 -44.13
N LEU C 100 -50.70 -31.01 -44.91
CA LEU C 100 -52.02 -31.32 -44.41
C LEU C 100 -51.97 -32.37 -43.29
N GLY C 101 -52.86 -32.24 -42.32
CA GLY C 101 -52.89 -33.17 -41.22
C GLY C 101 -51.82 -32.77 -40.22
N GLN C 102 -50.57 -32.96 -40.62
CA GLN C 102 -49.43 -32.60 -39.77
C GLN C 102 -49.54 -31.13 -39.38
N PRO C 103 -49.50 -30.83 -38.07
CA PRO C 103 -49.61 -29.46 -37.55
C PRO C 103 -48.54 -28.49 -38.02
N ASN C 104 -48.77 -27.20 -37.74
CA ASN C 104 -47.85 -26.14 -38.12
C ASN C 104 -48.20 -24.84 -37.42
N THR C 105 -47.47 -23.79 -37.74
CA THR C 105 -47.71 -22.47 -37.14
C THR C 105 -47.61 -21.38 -38.20
N LEU C 106 -48.70 -20.67 -38.43
CA LEU C 106 -48.70 -19.61 -39.43
C LEU C 106 -48.00 -18.41 -38.84
N ILE C 107 -47.18 -17.75 -39.64
CA ILE C 107 -46.44 -16.59 -39.16
C ILE C 107 -46.75 -15.30 -39.90
N CYS C 108 -47.26 -14.32 -39.17
CA CYS C 108 -47.56 -13.03 -39.77
C CYS C 108 -46.47 -12.04 -39.40
N PHE C 109 -45.71 -11.62 -40.40
CA PHE C 109 -44.63 -10.67 -40.22
C PHE C 109 -45.15 -9.29 -40.56
N VAL C 110 -45.11 -8.39 -39.58
CA VAL C 110 -45.58 -7.02 -39.79
C VAL C 110 -44.40 -6.06 -39.70
N ASP C 111 -44.19 -5.29 -40.77
CA ASP C 111 -43.10 -4.34 -40.83
C ASP C 111 -43.55 -2.89 -40.96
N ASN C 112 -42.59 -1.98 -40.89
CA ASN C 112 -42.86 -0.56 -41.00
C ASN C 112 -43.96 -0.10 -40.04
N ILE C 113 -43.81 -0.44 -38.76
CA ILE C 113 -44.77 -0.05 -37.75
C ILE C 113 -44.25 1.19 -37.05
N PHE C 114 -45.10 2.22 -36.96
CA PHE C 114 -44.72 3.45 -36.29
C PHE C 114 -45.83 4.48 -36.30
N PRO C 115 -46.25 4.94 -35.11
CA PRO C 115 -45.72 4.52 -33.81
C PRO C 115 -45.84 3.01 -33.53
N PRO C 116 -45.18 2.52 -32.48
CA PRO C 116 -45.24 1.10 -32.12
C PRO C 116 -46.48 0.74 -31.32
N VAL C 117 -47.64 0.93 -31.93
CA VAL C 117 -48.92 0.60 -31.32
C VAL C 117 -49.67 -0.09 -32.44
N ILE C 118 -50.10 -1.33 -32.21
CA ILE C 118 -50.79 -2.06 -33.26
C ILE C 118 -51.77 -3.10 -32.75
N ASN C 119 -52.45 -3.74 -33.71
CA ASN C 119 -53.43 -4.77 -33.43
C ASN C 119 -53.28 -5.90 -34.44
N ILE C 120 -52.26 -6.75 -34.28
CA ILE C 120 -52.10 -7.87 -35.19
C ILE C 120 -53.02 -8.96 -34.67
N THR C 121 -53.93 -9.42 -35.52
CA THR C 121 -54.87 -10.46 -35.11
C THR C 121 -55.12 -11.43 -36.26
N TRP C 122 -55.66 -12.60 -35.92
CA TRP C 122 -55.91 -13.63 -36.93
C TRP C 122 -57.38 -13.91 -37.18
N LEU C 123 -57.64 -14.60 -38.29
CA LEU C 123 -59.00 -14.95 -38.68
C LEU C 123 -59.08 -16.29 -39.40
N ARG C 124 -59.59 -17.30 -38.69
CA ARG C 124 -59.74 -18.63 -39.27
C ARG C 124 -61.06 -18.59 -40.01
N ASN C 125 -61.04 -18.91 -41.30
CA ASN C 125 -62.26 -18.88 -42.10
C ASN C 125 -62.97 -17.56 -41.84
N SER C 126 -62.22 -16.47 -42.03
CA SER C 126 -62.74 -15.13 -41.82
C SER C 126 -63.55 -15.05 -40.52
N LYS C 127 -62.89 -15.33 -39.42
CA LYS C 127 -63.52 -15.30 -38.09
C LYS C 127 -62.42 -15.19 -37.05
N SER C 128 -62.71 -14.48 -35.96
CA SER C 128 -61.74 -14.29 -34.90
C SER C 128 -61.20 -15.61 -34.34
N VAL C 129 -59.89 -15.64 -34.12
CA VAL C 129 -59.21 -16.80 -33.56
C VAL C 129 -58.44 -16.19 -32.39
N THR C 130 -58.43 -16.88 -31.26
CA THR C 130 -57.74 -16.36 -30.10
C THR C 130 -56.98 -17.47 -29.36
N ASP C 131 -57.14 -18.69 -29.86
CA ASP C 131 -56.48 -19.85 -29.28
C ASP C 131 -55.32 -20.25 -30.18
N GLY C 132 -54.12 -20.22 -29.63
CA GLY C 132 -52.93 -20.57 -30.40
C GLY C 132 -52.37 -19.34 -31.07
N VAL C 133 -52.57 -18.19 -30.43
CA VAL C 133 -52.08 -16.92 -30.95
C VAL C 133 -50.96 -16.37 -30.08
N TYR C 134 -49.75 -16.39 -30.63
CA TYR C 134 -48.58 -15.90 -29.91
C TYR C 134 -47.94 -14.72 -30.64
N GLU C 135 -47.63 -13.66 -29.88
CA GLU C 135 -47.03 -12.45 -30.43
C GLU C 135 -45.60 -12.25 -29.93
N THR C 136 -44.94 -11.18 -30.40
CA THR C 136 -43.57 -10.88 -29.99
C THR C 136 -43.41 -9.38 -29.75
N SER C 137 -42.33 -9.01 -29.05
CA SER C 137 -42.06 -7.61 -28.76
C SER C 137 -41.82 -6.88 -30.08
N PHE C 138 -41.90 -5.56 -30.05
CA PHE C 138 -41.65 -4.77 -31.25
C PHE C 138 -40.14 -4.81 -31.43
N PHE C 139 -39.68 -5.22 -32.60
CA PHE C 139 -38.25 -5.27 -32.86
C PHE C 139 -37.83 -3.95 -33.48
N VAL C 140 -36.68 -3.44 -33.07
CA VAL C 140 -36.18 -2.19 -33.63
C VAL C 140 -35.80 -2.42 -35.07
N ASN C 141 -35.98 -1.39 -35.89
CA ASN C 141 -35.63 -1.46 -37.30
C ASN C 141 -34.56 -0.41 -37.53
N ARG C 142 -33.76 -0.60 -38.59
CA ARG C 142 -32.69 0.32 -38.91
C ARG C 142 -33.15 1.77 -39.05
N ASP C 143 -34.36 1.96 -39.58
CA ASP C 143 -34.89 3.31 -39.76
C ASP C 143 -35.70 3.80 -38.58
N TYR C 144 -35.41 3.25 -37.41
CA TYR C 144 -36.09 3.63 -36.17
C TYR C 144 -37.60 3.50 -36.24
N SER C 145 -38.02 2.35 -36.74
CA SER C 145 -39.43 1.99 -36.85
C SER C 145 -39.48 0.66 -36.14
N PHE C 146 -40.54 -0.11 -36.32
CA PHE C 146 -40.61 -1.40 -35.65
C PHE C 146 -41.31 -2.45 -36.49
N HIS C 147 -40.99 -3.70 -36.18
CA HIS C 147 -41.59 -4.85 -36.84
C HIS C 147 -41.81 -5.87 -35.74
N LYS C 148 -42.88 -6.65 -35.85
CA LYS C 148 -43.20 -7.65 -34.84
C LYS C 148 -44.02 -8.76 -35.48
N LEU C 149 -43.68 -10.00 -35.15
CA LEU C 149 -44.36 -11.15 -35.73
C LEU C 149 -45.40 -11.77 -34.80
N SER C 150 -46.43 -12.35 -35.42
CA SER C 150 -47.50 -13.02 -34.69
C SER C 150 -47.58 -14.44 -35.24
N TYR C 151 -47.79 -15.41 -34.36
CA TYR C 151 -47.85 -16.80 -34.77
C TYR C 151 -49.22 -17.42 -34.52
N LEU C 152 -49.56 -18.42 -35.32
CA LEU C 152 -50.83 -19.10 -35.18
C LEU C 152 -50.72 -20.60 -35.49
N THR C 153 -50.60 -21.40 -34.43
CA THR C 153 -50.48 -22.84 -34.60
C THR C 153 -51.81 -23.32 -35.14
N PHE C 154 -51.77 -24.34 -35.99
CA PHE C 154 -52.98 -24.88 -36.58
C PHE C 154 -52.69 -26.21 -37.26
N ILE C 155 -53.73 -26.88 -37.73
CA ILE C 155 -53.59 -28.15 -38.41
C ILE C 155 -53.87 -27.91 -39.89
N PRO C 156 -52.82 -27.83 -40.72
CA PRO C 156 -53.02 -27.61 -42.15
C PRO C 156 -54.26 -28.37 -42.62
N SER C 157 -55.39 -27.67 -42.67
CA SER C 157 -56.64 -28.27 -43.07
C SER C 157 -57.03 -27.88 -44.49
N ASP C 158 -57.51 -28.86 -45.25
CA ASP C 158 -57.91 -28.66 -46.64
C ASP C 158 -58.86 -27.48 -46.81
N ASP C 159 -60.04 -27.60 -46.20
CA ASP C 159 -61.08 -26.59 -46.27
C ASP C 159 -60.85 -25.49 -45.22
N ASP C 160 -59.69 -24.85 -45.26
CA ASP C 160 -59.40 -23.81 -44.29
C ASP C 160 -58.62 -22.63 -44.86
N ILE C 161 -58.89 -21.46 -44.32
CA ILE C 161 -58.21 -20.24 -44.74
C ILE C 161 -57.93 -19.44 -43.48
N TYR C 162 -56.95 -18.54 -43.57
CA TYR C 162 -56.60 -17.71 -42.44
C TYR C 162 -56.23 -16.34 -42.94
N ASP C 163 -56.38 -15.34 -42.08
CA ASP C 163 -56.07 -13.97 -42.46
C ASP C 163 -55.40 -13.24 -41.31
N CYS C 164 -54.40 -12.44 -41.65
CA CYS C 164 -53.71 -11.67 -40.64
C CYS C 164 -54.30 -10.28 -40.66
N LYS C 165 -55.17 -10.00 -39.70
CA LYS C 165 -55.81 -8.70 -39.60
C LYS C 165 -54.87 -7.75 -38.86
N VAL C 166 -54.52 -6.65 -39.52
CA VAL C 166 -53.62 -5.67 -38.92
C VAL C 166 -54.26 -4.30 -38.75
N GLU C 167 -54.47 -3.90 -37.50
CA GLU C 167 -55.06 -2.61 -37.20
C GLU C 167 -53.95 -1.67 -36.76
N HIS C 168 -53.88 -0.51 -37.41
CA HIS C 168 -52.88 0.48 -37.10
C HIS C 168 -53.40 1.86 -37.46
N TRP C 169 -52.94 2.87 -36.73
CA TRP C 169 -53.37 4.24 -36.99
C TRP C 169 -52.86 4.66 -38.37
N GLY C 170 -51.95 3.88 -38.92
CA GLY C 170 -51.38 4.17 -40.22
C GLY C 170 -52.30 3.74 -41.35
N LEU C 171 -53.56 3.49 -41.02
CA LEU C 171 -54.55 3.09 -42.02
C LEU C 171 -55.97 3.23 -41.50
N GLU C 172 -56.85 3.69 -42.39
CA GLU C 172 -58.27 3.88 -42.09
C GLU C 172 -58.93 2.52 -42.02
N GLU C 173 -58.82 1.78 -43.11
CA GLU C 173 -59.40 0.43 -43.18
C GLU C 173 -58.27 -0.55 -42.88
N PRO C 174 -58.46 -1.38 -41.84
CA PRO C 174 -57.44 -2.37 -41.46
C PRO C 174 -56.90 -3.11 -42.66
N VAL C 175 -55.85 -3.89 -42.46
CA VAL C 175 -55.26 -4.66 -43.55
C VAL C 175 -55.48 -6.14 -43.35
N LEU C 176 -55.65 -6.86 -44.46
CA LEU C 176 -55.88 -8.29 -44.42
C LEU C 176 -55.03 -9.06 -45.41
N LYS C 177 -53.92 -9.63 -44.93
CA LYS C 177 -53.07 -10.42 -45.78
C LYS C 177 -53.64 -11.83 -45.65
N HIS C 178 -53.87 -12.46 -46.79
CA HIS C 178 -54.48 -13.79 -46.83
C HIS C 178 -53.53 -14.96 -47.04
N TRP C 179 -53.83 -16.08 -46.38
CA TRP C 179 -53.06 -17.30 -46.51
C TRP C 179 -53.88 -18.54 -46.18
N GLU C 180 -53.63 -19.58 -46.96
CA GLU C 180 -54.26 -20.89 -46.88
C GLU C 180 -53.72 -21.70 -48.06
N PRO C 181 -53.04 -21.04 -49.02
CA PRO C 181 -52.50 -21.78 -50.16
C PRO C 181 -51.55 -22.91 -49.79
N GLU C 182 -51.63 -23.98 -50.55
CA GLU C 182 -50.75 -25.14 -50.35
C GLU C 182 -49.63 -24.96 -51.35
N ILE C 183 -49.50 -23.71 -51.82
CA ILE C 183 -48.49 -23.33 -52.79
C ILE C 183 -47.08 -23.59 -52.25
N GLY D 1 -56.23 7.62 -31.38
CA GLY D 1 -57.03 7.72 -32.64
C GLY D 1 -56.41 8.67 -33.65
N SER D 2 -56.89 9.90 -33.68
CA SER D 2 -56.38 10.91 -34.59
C SER D 2 -55.95 12.12 -33.76
N GLU D 3 -55.41 11.82 -32.57
CA GLU D 3 -54.96 12.83 -31.62
C GLU D 3 -53.68 13.56 -31.99
N ARG D 4 -52.59 13.09 -31.38
CA ARG D 4 -51.25 13.64 -31.57
C ARG D 4 -50.39 12.76 -30.67
N HIS D 5 -49.67 11.81 -31.26
CA HIS D 5 -48.84 10.88 -30.49
C HIS D 5 -47.38 11.33 -30.30
N PHE D 6 -46.68 10.64 -29.41
CA PHE D 6 -45.28 10.95 -29.12
C PHE D 6 -44.46 9.71 -28.80
N VAL D 7 -43.20 9.70 -29.25
CA VAL D 7 -42.34 8.55 -29.01
C VAL D 7 -40.91 8.87 -28.66
N HIS D 8 -40.36 8.12 -27.71
CA HIS D 8 -38.97 8.28 -27.36
C HIS D 8 -38.32 6.91 -27.47
N GLN D 9 -37.14 6.87 -28.06
CA GLN D 9 -36.44 5.61 -28.25
C GLN D 9 -35.01 5.66 -27.76
N PHE D 10 -34.63 4.61 -27.04
CA PHE D 10 -33.27 4.48 -26.53
C PHE D 10 -32.77 3.16 -27.08
N GLN D 11 -31.80 3.22 -27.99
CA GLN D 11 -31.27 2.01 -28.59
C GLN D 11 -29.76 1.91 -28.42
N PRO D 12 -29.32 0.98 -27.55
CA PRO D 12 -27.91 0.74 -27.25
C PRO D 12 -27.37 -0.37 -28.15
N PHE D 13 -26.14 -0.25 -28.62
CA PHE D 13 -25.59 -1.27 -29.51
C PHE D 13 -24.17 -1.71 -29.23
N CYS D 14 -24.02 -3.01 -28.97
CA CYS D 14 -22.70 -3.59 -28.73
C CYS D 14 -22.34 -4.33 -30.01
N TYR D 15 -21.30 -3.86 -30.70
CA TYR D 15 -20.86 -4.49 -31.94
C TYR D 15 -19.59 -5.31 -31.70
N PHE D 16 -19.75 -6.62 -31.70
CA PHE D 16 -18.63 -7.52 -31.47
C PHE D 16 -18.05 -8.09 -32.76
N THR D 17 -16.75 -7.86 -32.95
CA THR D 17 -16.03 -8.35 -34.12
C THR D 17 -15.00 -9.36 -33.60
N ASN D 18 -15.10 -10.59 -34.08
CA ASN D 18 -14.24 -11.69 -33.62
C ASN D 18 -14.26 -11.67 -32.11
N GLY D 19 -15.35 -12.19 -31.53
CA GLY D 19 -15.47 -12.23 -30.09
C GLY D 19 -15.32 -10.87 -29.45
N THR D 20 -14.79 -10.87 -28.24
CA THR D 20 -14.58 -9.63 -27.48
C THR D 20 -13.26 -8.96 -27.84
N GLN D 21 -12.68 -9.36 -28.97
CA GLN D 21 -11.41 -8.77 -29.40
C GLN D 21 -11.60 -7.29 -29.72
N ARG D 22 -12.58 -7.00 -30.58
CA ARG D 22 -12.89 -5.64 -30.98
C ARG D 22 -14.34 -5.35 -30.63
N ILE D 23 -14.58 -4.38 -29.75
CA ILE D 23 -15.93 -4.03 -29.34
C ILE D 23 -16.28 -2.58 -29.64
N ARG D 24 -17.47 -2.37 -30.20
CA ARG D 24 -17.92 -1.03 -30.53
C ARG D 24 -19.27 -0.73 -29.90
N LEU D 25 -19.29 0.19 -28.94
CA LEU D 25 -20.54 0.57 -28.28
C LEU D 25 -21.14 1.80 -28.94
N VAL D 26 -22.38 1.66 -29.36
CA VAL D 26 -23.09 2.76 -30.01
C VAL D 26 -24.47 2.91 -29.39
N ILE D 27 -24.73 4.07 -28.80
CA ILE D 27 -26.01 4.33 -28.17
C ILE D 27 -26.70 5.48 -28.88
N ARG D 28 -27.98 5.31 -29.17
CA ARG D 28 -28.75 6.35 -29.85
C ARG D 28 -29.96 6.75 -29.04
N TYR D 29 -30.26 8.04 -29.05
CA TYR D 29 -31.41 8.56 -28.36
C TYR D 29 -32.23 9.19 -29.48
N ILE D 30 -33.46 8.70 -29.67
CA ILE D 30 -34.31 9.19 -30.72
C ILE D 30 -35.67 9.69 -30.27
N TYR D 31 -36.05 10.89 -30.72
CA TYR D 31 -37.34 11.48 -30.40
C TYR D 31 -38.18 11.19 -31.63
N ASN D 32 -39.09 10.23 -31.51
CA ASN D 32 -39.90 9.83 -32.65
C ASN D 32 -38.84 9.17 -33.54
N ARG D 33 -38.69 9.60 -34.78
CA ARG D 33 -37.67 9.01 -35.65
C ARG D 33 -36.43 9.90 -35.83
N GLU D 34 -36.32 10.94 -35.01
CA GLU D 34 -35.17 11.83 -35.11
C GLU D 34 -34.10 11.56 -34.07
N GLU D 35 -33.00 10.96 -34.51
CA GLU D 35 -31.88 10.67 -33.64
C GLU D 35 -31.29 12.03 -33.29
N TYR D 36 -31.51 12.48 -32.05
CA TYR D 36 -31.02 13.79 -31.63
C TYR D 36 -29.68 13.80 -30.91
N VAL D 37 -29.24 12.63 -30.44
CA VAL D 37 -27.95 12.56 -29.75
C VAL D 37 -27.49 11.11 -29.68
N ARG D 38 -26.21 10.90 -29.96
CA ARG D 38 -25.64 9.57 -29.96
C ARG D 38 -24.23 9.53 -29.39
N PHE D 39 -23.85 8.35 -28.89
CA PHE D 39 -22.52 8.12 -28.35
C PHE D 39 -21.92 6.95 -29.11
N ASP D 40 -20.71 7.14 -29.60
CA ASP D 40 -20.03 6.09 -30.34
C ASP D 40 -18.68 5.82 -29.66
N SER D 41 -18.54 4.64 -29.07
CA SER D 41 -17.29 4.28 -28.39
C SER D 41 -16.08 4.60 -29.25
N ASP D 42 -16.26 4.56 -30.56
CA ASP D 42 -15.17 4.84 -31.50
C ASP D 42 -14.87 6.33 -31.54
N VAL D 43 -15.76 7.14 -30.98
CA VAL D 43 -15.58 8.59 -30.95
C VAL D 43 -15.27 9.08 -29.54
N GLY D 44 -15.61 8.25 -28.55
CA GLY D 44 -15.34 8.61 -27.17
C GLY D 44 -16.22 9.66 -26.53
N GLU D 45 -17.34 10.01 -27.16
CA GLU D 45 -18.22 11.01 -26.58
C GLU D 45 -19.57 11.26 -27.27
N TYR D 46 -20.51 11.79 -26.50
CA TYR D 46 -21.84 12.09 -26.99
C TYR D 46 -21.77 13.26 -27.95
N ARG D 47 -22.54 13.16 -29.04
CA ARG D 47 -22.58 14.21 -30.04
C ARG D 47 -24.05 14.43 -30.37
N ALA D 48 -24.44 15.69 -30.53
CA ALA D 48 -25.82 16.00 -30.85
C ALA D 48 -26.03 15.75 -32.34
N VAL D 49 -26.79 14.71 -32.66
CA VAL D 49 -27.05 14.37 -34.06
C VAL D 49 -27.90 15.44 -34.75
N THR D 50 -28.65 16.20 -33.97
CA THR D 50 -29.48 17.28 -34.48
C THR D 50 -29.53 18.35 -33.40
N GLU D 51 -29.88 19.58 -33.74
CA GLU D 51 -29.91 20.66 -32.76
C GLU D 51 -30.75 20.31 -31.53
N LEU D 52 -31.61 19.31 -31.64
CA LEU D 52 -32.45 18.94 -30.51
C LEU D 52 -31.64 18.35 -29.35
N GLY D 53 -30.67 17.50 -29.67
CA GLY D 53 -29.87 16.86 -28.65
C GLY D 53 -28.63 17.61 -28.19
N ARG D 54 -28.49 18.88 -28.60
CA ARG D 54 -27.33 19.66 -28.19
C ARG D 54 -27.21 19.75 -26.68
N PRO D 55 -28.24 20.27 -25.99
CA PRO D 55 -28.18 20.38 -24.53
C PRO D 55 -27.75 19.06 -23.87
N ASP D 56 -28.49 18.00 -24.15
CA ASP D 56 -28.21 16.69 -23.58
C ASP D 56 -26.79 16.22 -23.91
N ALA D 57 -26.43 16.32 -25.18
CA ALA D 57 -25.10 15.91 -25.64
C ALA D 57 -23.99 16.42 -24.74
N GLU D 58 -23.87 17.74 -24.62
CA GLU D 58 -22.83 18.35 -23.81
C GLU D 58 -23.01 18.05 -22.32
N TYR D 59 -24.25 18.13 -21.84
CA TYR D 59 -24.54 17.87 -20.42
C TYR D 59 -23.98 16.50 -20.01
N TRP D 60 -24.34 15.46 -20.76
CA TRP D 60 -23.90 14.11 -20.48
C TRP D 60 -22.39 13.93 -20.56
N ASN D 61 -21.79 14.46 -21.62
CA ASN D 61 -20.35 14.35 -21.79
C ASN D 61 -19.63 14.84 -20.54
N LYS D 62 -20.12 15.93 -19.97
CA LYS D 62 -19.52 16.51 -18.76
C LYS D 62 -20.25 16.00 -17.51
N GLN D 63 -20.52 14.70 -17.47
CA GLN D 63 -21.22 14.12 -16.33
C GLN D 63 -21.30 12.60 -16.34
N TYR D 64 -21.89 12.05 -17.40
CA TYR D 64 -22.03 10.60 -17.51
C TYR D 64 -21.08 9.97 -18.52
N LEU D 65 -20.15 10.76 -19.05
CA LEU D 65 -19.21 10.25 -20.03
C LEU D 65 -18.49 9.02 -19.51
N GLU D 66 -17.87 9.15 -18.35
CA GLU D 66 -17.14 8.05 -17.73
C GLU D 66 -17.98 6.78 -17.73
N ARG D 67 -19.06 6.79 -16.95
CA ARG D 67 -19.96 5.64 -16.85
C ARG D 67 -20.24 5.04 -18.22
N THR D 68 -20.68 5.88 -19.14
CA THR D 68 -20.99 5.46 -20.49
C THR D 68 -19.86 4.63 -21.09
N ARG D 69 -18.62 5.05 -20.85
CA ARG D 69 -17.47 4.33 -21.37
C ARG D 69 -17.39 3.01 -20.61
N ALA D 70 -17.55 3.10 -19.29
CA ALA D 70 -17.50 1.93 -18.42
C ALA D 70 -18.41 0.82 -18.95
N GLU D 71 -19.54 1.22 -19.53
CA GLU D 71 -20.51 0.27 -20.06
C GLU D 71 -19.85 -0.66 -21.07
N LEU D 72 -18.86 -0.15 -21.80
CA LEU D 72 -18.12 -0.92 -22.78
C LEU D 72 -17.79 -2.31 -22.21
N ASP D 73 -17.35 -2.32 -20.96
CA ASP D 73 -16.97 -3.55 -20.29
C ASP D 73 -18.11 -4.17 -19.48
N THR D 74 -18.58 -3.43 -18.48
CA THR D 74 -19.66 -3.89 -17.61
C THR D 74 -20.84 -4.45 -18.40
N VAL D 75 -21.08 -3.90 -19.59
CA VAL D 75 -22.18 -4.36 -20.43
C VAL D 75 -21.69 -5.23 -21.60
N CYS D 76 -21.35 -4.61 -22.72
CA CYS D 76 -20.88 -5.35 -23.89
C CYS D 76 -19.93 -6.49 -23.56
N ARG D 77 -18.74 -6.18 -23.06
CA ARG D 77 -17.79 -7.23 -22.73
C ARG D 77 -18.41 -8.31 -21.84
N HIS D 78 -18.76 -7.93 -20.61
CA HIS D 78 -19.36 -8.87 -19.66
C HIS D 78 -20.44 -9.75 -20.28
N ASN D 79 -21.61 -9.16 -20.52
CA ASN D 79 -22.75 -9.88 -21.08
C ASN D 79 -22.31 -10.90 -22.13
N TYR D 80 -21.37 -10.51 -22.99
CA TYR D 80 -20.88 -11.39 -24.04
C TYR D 80 -20.21 -12.62 -23.46
N GLU D 81 -18.99 -12.44 -22.96
CA GLU D 81 -18.22 -13.52 -22.39
C GLU D 81 -18.96 -14.36 -21.35
N LYS D 82 -19.61 -13.68 -20.40
CA LYS D 82 -20.30 -14.36 -19.33
C LYS D 82 -21.74 -14.83 -19.54
N THR D 83 -22.40 -14.46 -20.64
CA THR D 83 -23.78 -14.92 -20.83
C THR D 83 -24.16 -15.38 -22.24
N GLU D 84 -23.74 -14.66 -23.27
CA GLU D 84 -24.07 -15.05 -24.64
C GLU D 84 -23.33 -16.34 -24.96
N THR D 85 -22.08 -16.43 -24.49
CA THR D 85 -21.24 -17.59 -24.71
C THR D 85 -21.89 -18.93 -24.38
N PRO D 86 -22.52 -19.05 -23.20
CA PRO D 86 -23.17 -20.31 -22.82
C PRO D 86 -24.62 -20.42 -23.31
N THR D 87 -25.15 -19.32 -23.85
CA THR D 87 -26.53 -19.33 -24.32
C THR D 87 -26.68 -19.26 -25.84
N SER D 88 -27.02 -18.07 -26.34
CA SER D 88 -27.23 -17.86 -27.77
C SER D 88 -26.14 -18.49 -28.61
N LEU D 89 -24.90 -18.24 -28.23
CA LEU D 89 -23.75 -18.79 -28.93
C LEU D 89 -23.79 -20.31 -28.91
N ARG D 90 -23.98 -20.89 -27.72
CA ARG D 90 -24.03 -22.33 -27.58
C ARG D 90 -25.12 -22.95 -28.45
N ARG D 91 -26.35 -22.48 -28.29
CA ARG D 91 -27.50 -22.98 -29.04
C ARG D 91 -27.25 -23.18 -30.54
N LEU D 92 -27.64 -24.35 -31.03
CA LEU D 92 -27.48 -24.71 -32.44
C LEU D 92 -28.60 -25.67 -32.86
N GLU D 93 -29.39 -25.28 -33.85
CA GLU D 93 -30.48 -26.10 -34.33
C GLU D 93 -30.26 -26.58 -35.76
N GLN D 94 -30.14 -27.89 -35.93
CA GLN D 94 -29.93 -28.47 -37.26
C GLN D 94 -31.14 -28.19 -38.13
N PRO D 95 -30.93 -28.01 -39.46
CA PRO D 95 -31.99 -27.73 -40.42
C PRO D 95 -32.88 -28.92 -40.79
N SER D 96 -33.97 -28.63 -41.50
CA SER D 96 -34.93 -29.64 -41.94
C SER D 96 -35.12 -29.49 -43.46
N VAL D 97 -34.43 -30.32 -44.23
CA VAL D 97 -34.49 -30.27 -45.68
C VAL D 97 -35.44 -31.28 -46.32
N VAL D 98 -36.31 -30.80 -47.21
CA VAL D 98 -37.29 -31.63 -47.92
C VAL D 98 -37.63 -31.06 -49.31
N ILE D 99 -37.20 -31.75 -50.36
CA ILE D 99 -37.45 -31.33 -51.75
C ILE D 99 -38.88 -31.57 -52.20
N SER D 100 -39.38 -30.82 -53.19
CA SER D 100 -40.76 -31.01 -53.64
C SER D 100 -41.28 -30.38 -54.94
N LEU D 101 -42.36 -29.62 -54.78
CA LEU D 101 -43.13 -28.96 -55.84
C LEU D 101 -44.10 -30.00 -56.35
N SER D 102 -45.11 -30.28 -55.53
CA SER D 102 -46.13 -31.28 -55.83
C SER D 102 -47.25 -30.80 -56.74
N ARG D 103 -48.15 -31.74 -57.07
CA ARG D 103 -49.29 -31.47 -57.94
C ARG D 103 -48.84 -31.09 -59.37
N THR D 104 -47.53 -30.88 -59.54
CA THR D 104 -46.99 -30.50 -60.84
C THR D 104 -46.06 -31.56 -61.43
N GLU D 105 -46.63 -32.45 -62.24
CA GLU D 105 -45.84 -33.50 -62.87
C GLU D 105 -45.72 -33.25 -64.37
N ALA D 106 -44.56 -33.58 -64.93
CA ALA D 106 -44.33 -33.38 -66.36
C ALA D 106 -43.14 -34.21 -66.85
N LEU D 107 -43.42 -35.16 -67.73
CA LEU D 107 -42.38 -36.02 -68.29
C LEU D 107 -41.83 -35.40 -69.56
N ASN D 108 -40.53 -35.11 -69.55
CA ASN D 108 -39.86 -34.49 -70.68
C ASN D 108 -40.34 -33.04 -70.86
N HIS D 109 -41.30 -32.65 -70.04
CA HIS D 109 -41.84 -31.29 -70.07
C HIS D 109 -41.02 -30.43 -69.08
N HIS D 110 -41.59 -29.33 -68.58
CA HIS D 110 -40.84 -28.47 -67.67
C HIS D 110 -41.45 -28.18 -66.29
N ASN D 111 -40.60 -28.21 -65.25
CA ASN D 111 -41.05 -27.93 -63.89
C ASN D 111 -39.92 -27.55 -62.93
N THR D 112 -40.27 -27.26 -61.68
CA THR D 112 -39.30 -26.84 -60.66
C THR D 112 -39.29 -27.74 -59.41
N LEU D 113 -38.24 -27.64 -58.60
CA LEU D 113 -38.10 -28.43 -57.38
C LEU D 113 -37.65 -27.55 -56.20
N VAL D 114 -38.53 -27.34 -55.23
CA VAL D 114 -38.24 -26.52 -54.06
C VAL D 114 -37.56 -27.34 -52.94
N CYS D 115 -36.33 -26.99 -52.59
CA CYS D 115 -35.60 -27.73 -51.56
C CYS D 115 -36.17 -27.64 -50.15
N SER D 116 -36.38 -26.43 -49.66
CA SER D 116 -36.92 -26.22 -48.32
C SER D 116 -36.01 -26.66 -47.16
N VAL D 117 -35.34 -25.69 -46.55
CA VAL D 117 -34.47 -25.93 -45.40
C VAL D 117 -35.10 -25.14 -44.25
N THR D 118 -35.54 -25.83 -43.20
CA THR D 118 -36.21 -25.14 -42.10
C THR D 118 -35.60 -25.15 -40.69
N ASP D 119 -36.20 -24.32 -39.84
CA ASP D 119 -35.84 -24.15 -38.43
C ASP D 119 -34.40 -24.45 -38.01
N PHE D 120 -33.46 -23.68 -38.53
CA PHE D 120 -32.05 -23.88 -38.18
C PHE D 120 -31.50 -22.66 -37.45
N TYR D 121 -30.31 -22.82 -36.86
CA TYR D 121 -29.65 -21.73 -36.14
C TYR D 121 -28.18 -22.08 -35.89
N PRO D 122 -27.27 -21.11 -36.10
CA PRO D 122 -27.56 -19.75 -36.51
C PRO D 122 -28.00 -19.59 -37.96
N ALA D 123 -27.93 -18.35 -38.47
CA ALA D 123 -28.34 -18.03 -39.83
C ALA D 123 -27.39 -18.49 -40.93
N LYS D 124 -26.09 -18.54 -40.64
CA LYS D 124 -25.10 -18.97 -41.63
C LYS D 124 -25.38 -20.35 -42.20
N ILE D 125 -25.75 -20.39 -43.49
CA ILE D 125 -26.03 -21.65 -44.16
C ILE D 125 -25.78 -21.59 -45.67
N LYS D 126 -25.30 -22.70 -46.22
CA LYS D 126 -25.02 -22.79 -47.65
C LYS D 126 -25.80 -23.92 -48.30
N VAL D 127 -26.73 -23.57 -49.19
CA VAL D 127 -27.53 -24.57 -49.88
C VAL D 127 -27.14 -24.65 -51.35
N ARG D 128 -27.07 -25.88 -51.87
CA ARG D 128 -26.69 -26.08 -53.26
C ARG D 128 -27.56 -27.12 -53.95
N TRP D 129 -27.67 -26.99 -55.26
CA TRP D 129 -28.46 -27.90 -56.08
C TRP D 129 -27.49 -28.69 -56.96
N PHE D 130 -27.61 -30.00 -56.92
CA PHE D 130 -26.73 -30.86 -57.70
C PHE D 130 -27.47 -31.80 -58.65
N ARG D 131 -26.92 -31.94 -59.86
CA ARG D 131 -27.49 -32.81 -60.88
C ARG D 131 -26.51 -33.97 -61.11
N ASN D 132 -26.93 -35.17 -60.73
CA ASN D 132 -26.10 -36.36 -60.90
C ASN D 132 -24.62 -36.07 -60.64
N GLY D 133 -24.26 -35.98 -59.37
CA GLY D 133 -22.89 -35.71 -58.99
C GLY D 133 -22.37 -34.32 -59.32
N GLN D 134 -23.03 -33.62 -60.23
CA GLN D 134 -22.59 -32.28 -60.61
C GLN D 134 -23.46 -31.16 -60.04
N GLU D 135 -22.81 -30.12 -59.52
CA GLU D 135 -23.52 -28.98 -58.94
C GLU D 135 -24.04 -28.05 -60.03
N GLU D 136 -25.35 -27.93 -60.13
CA GLU D 136 -25.98 -27.07 -61.13
C GLU D 136 -26.18 -25.65 -60.61
N THR D 137 -26.41 -24.73 -61.54
CA THR D 137 -26.64 -23.32 -61.21
C THR D 137 -27.49 -22.67 -62.30
N VAL D 138 -27.69 -23.40 -63.39
CA VAL D 138 -28.48 -22.89 -64.53
C VAL D 138 -29.93 -22.63 -64.14
N GLY D 139 -30.34 -23.17 -62.99
CA GLY D 139 -31.70 -22.98 -62.55
C GLY D 139 -31.78 -22.72 -61.05
N VAL D 140 -30.61 -22.61 -60.43
CA VAL D 140 -30.54 -22.35 -58.99
C VAL D 140 -31.13 -20.99 -58.66
N SER D 141 -32.37 -20.99 -58.23
CA SER D 141 -33.07 -19.77 -57.84
C SER D 141 -33.20 -19.83 -56.33
N SER D 142 -33.31 -18.67 -55.68
CA SER D 142 -33.41 -18.68 -54.23
C SER D 142 -34.32 -17.61 -53.63
N THR D 143 -34.73 -17.84 -52.39
CA THR D 143 -35.56 -16.91 -51.66
C THR D 143 -34.63 -16.31 -50.60
N GLN D 144 -35.10 -15.32 -49.88
CA GLN D 144 -34.29 -14.69 -48.85
C GLN D 144 -34.08 -15.64 -47.68
N LEU D 145 -33.32 -15.18 -46.69
CA LEU D 145 -33.12 -15.97 -45.48
C LEU D 145 -34.27 -15.52 -44.60
N ILE D 146 -35.21 -16.44 -44.36
CA ILE D 146 -36.38 -16.12 -43.56
C ILE D 146 -36.16 -16.22 -42.05
N ARG D 147 -36.39 -15.12 -41.35
CA ARG D 147 -36.24 -15.11 -39.90
C ARG D 147 -37.61 -15.23 -39.25
N ASN D 148 -37.90 -16.42 -38.75
CA ASN D 148 -39.18 -16.69 -38.11
C ASN D 148 -39.38 -15.84 -36.86
N GLY D 149 -38.27 -15.40 -36.27
CA GLY D 149 -38.36 -14.58 -35.07
C GLY D 149 -38.35 -15.38 -33.79
N ASP D 150 -38.55 -16.69 -33.90
CA ASP D 150 -38.54 -17.58 -32.75
C ASP D 150 -37.12 -18.10 -32.53
N TRP D 151 -36.15 -17.39 -33.11
CA TRP D 151 -34.74 -17.76 -33.00
C TRP D 151 -34.44 -18.94 -33.92
N THR D 152 -35.09 -18.96 -35.08
CA THR D 152 -34.87 -20.02 -36.06
C THR D 152 -35.01 -19.44 -37.46
N PHE D 153 -34.43 -20.13 -38.44
CA PHE D 153 -34.49 -19.67 -39.81
C PHE D 153 -34.95 -20.73 -40.81
N GLN D 154 -35.30 -20.27 -42.00
CA GLN D 154 -35.74 -21.14 -43.08
C GLN D 154 -35.47 -20.40 -44.39
N VAL D 155 -35.33 -21.17 -45.46
CA VAL D 155 -35.07 -20.61 -46.79
C VAL D 155 -35.40 -21.70 -47.79
N LEU D 156 -36.22 -21.38 -48.78
CA LEU D 156 -36.64 -22.37 -49.76
C LEU D 156 -36.03 -22.21 -51.16
N VAL D 157 -34.86 -22.79 -51.36
CA VAL D 157 -34.17 -22.72 -52.64
C VAL D 157 -34.74 -23.71 -53.65
N MET D 158 -35.40 -23.17 -54.67
CA MET D 158 -36.03 -23.99 -55.71
C MET D 158 -35.15 -24.04 -56.95
N LEU D 159 -35.09 -25.21 -57.58
CA LEU D 159 -34.32 -25.39 -58.80
C LEU D 159 -35.25 -25.91 -59.87
N GLU D 160 -35.44 -25.13 -60.92
CA GLU D 160 -36.30 -25.54 -62.01
C GLU D 160 -35.46 -26.24 -63.06
N MET D 161 -36.06 -27.20 -63.74
CA MET D 161 -35.35 -27.95 -64.76
C MET D 161 -36.31 -28.69 -65.68
N THR D 162 -35.91 -29.90 -66.03
CA THR D 162 -36.69 -30.76 -66.90
C THR D 162 -36.64 -32.17 -66.35
N PRO D 163 -37.70 -32.60 -65.64
CA PRO D 163 -37.72 -33.95 -65.06
C PRO D 163 -37.71 -35.05 -66.12
N ARG D 164 -36.59 -35.76 -66.19
CA ARG D 164 -36.41 -36.85 -67.14
C ARG D 164 -35.66 -37.97 -66.45
N ARG D 165 -36.23 -39.16 -66.48
CA ARG D 165 -35.60 -40.32 -65.84
C ARG D 165 -34.12 -40.42 -66.17
N GLY D 166 -33.35 -41.01 -65.26
CA GLY D 166 -31.93 -41.15 -65.47
C GLY D 166 -31.14 -40.10 -64.71
N GLU D 167 -31.76 -38.94 -64.47
CA GLU D 167 -31.11 -37.86 -63.74
C GLU D 167 -31.83 -37.56 -62.43
N VAL D 168 -31.06 -37.51 -61.34
CA VAL D 168 -31.65 -37.22 -60.04
C VAL D 168 -30.92 -36.05 -59.38
N TYR D 169 -31.70 -35.08 -58.91
CA TYR D 169 -31.16 -33.90 -58.25
C TYR D 169 -31.02 -34.14 -56.75
N THR D 170 -30.01 -33.50 -56.14
CA THR D 170 -29.78 -33.68 -54.71
C THR D 170 -29.60 -32.33 -54.02
N CYS D 171 -30.46 -32.01 -53.05
CA CYS D 171 -30.31 -30.75 -52.36
C CYS D 171 -29.20 -30.89 -51.33
N HIS D 172 -28.18 -30.04 -51.47
CA HIS D 172 -27.03 -30.05 -50.56
C HIS D 172 -27.21 -28.99 -49.49
N VAL D 173 -26.93 -29.36 -48.24
CA VAL D 173 -27.08 -28.43 -47.12
C VAL D 173 -25.88 -28.41 -46.19
N GLU D 174 -25.27 -27.23 -46.07
CA GLU D 174 -24.13 -27.03 -45.20
C GLU D 174 -24.55 -26.07 -44.10
N HIS D 175 -24.24 -26.41 -42.84
CA HIS D 175 -24.60 -25.55 -41.71
C HIS D 175 -23.75 -25.93 -40.50
N PRO D 176 -23.31 -24.92 -39.73
CA PRO D 176 -22.49 -25.15 -38.53
C PRO D 176 -22.97 -26.27 -37.62
N SER D 177 -24.27 -26.56 -37.66
CA SER D 177 -24.84 -27.61 -36.81
C SER D 177 -24.87 -28.98 -37.48
N LEU D 178 -23.95 -29.20 -38.43
CA LEU D 178 -23.86 -30.47 -39.12
C LEU D 178 -22.41 -30.94 -39.18
N LYS D 179 -22.12 -32.08 -38.57
CA LYS D 179 -20.76 -32.60 -38.58
C LYS D 179 -20.34 -32.83 -40.02
N SER D 180 -21.31 -33.17 -40.86
CA SER D 180 -21.03 -33.41 -42.28
C SER D 180 -22.22 -33.06 -43.16
N PRO D 181 -22.00 -32.18 -44.14
CA PRO D 181 -23.03 -31.72 -45.08
C PRO D 181 -24.14 -32.75 -45.31
N ILE D 182 -25.38 -32.32 -45.19
CA ILE D 182 -26.53 -33.19 -45.37
C ILE D 182 -27.15 -33.01 -46.74
N THR D 183 -27.62 -34.11 -47.34
CA THR D 183 -28.22 -34.06 -48.66
C THR D 183 -29.39 -35.03 -48.83
N VAL D 184 -30.38 -34.57 -49.59
CA VAL D 184 -31.57 -35.37 -49.89
C VAL D 184 -31.76 -35.26 -51.40
N GLU D 185 -31.61 -36.37 -52.11
CA GLU D 185 -31.79 -36.36 -53.56
C GLU D 185 -33.28 -36.37 -53.89
N TRP D 186 -33.62 -36.55 -55.16
CA TRP D 186 -35.03 -36.56 -55.54
C TRP D 186 -35.59 -37.95 -55.84
N ARG D 187 -36.03 -38.15 -57.09
CA ARG D 187 -36.61 -39.42 -57.51
C ARG D 187 -36.93 -39.36 -59.00
N ALA D 188 -35.88 -39.36 -59.83
CA ALA D 188 -35.97 -39.32 -61.29
C ALA D 188 -37.37 -39.35 -61.89
N GLY E 1 -26.48 -15.09 -8.86
CA GLY E 1 -25.62 -15.84 -9.82
C GLY E 1 -25.18 -14.97 -10.99
N ASN E 2 -25.43 -15.45 -12.20
CA ASN E 2 -25.05 -14.72 -13.40
C ASN E 2 -25.85 -13.45 -13.56
N SER E 3 -25.24 -12.31 -13.20
CA SER E 3 -25.91 -11.02 -13.29
C SER E 3 -25.75 -10.28 -14.61
N HIS E 4 -26.89 -9.98 -15.22
CA HIS E 4 -26.97 -9.28 -16.50
C HIS E 4 -27.30 -7.82 -16.24
N ARG E 5 -26.61 -6.92 -16.91
CA ARG E 5 -26.92 -5.51 -16.79
C ARG E 5 -27.29 -5.02 -18.19
N GLY E 6 -27.82 -3.81 -18.26
CA GLY E 6 -28.18 -3.25 -19.55
C GLY E 6 -27.48 -1.92 -19.73
N ALA E 7 -27.99 -1.09 -20.63
CA ALA E 7 -27.42 0.24 -20.83
C ALA E 7 -28.23 1.11 -19.89
N ILE E 8 -27.72 2.28 -19.57
CA ILE E 8 -28.45 3.17 -18.67
C ILE E 8 -28.88 4.42 -19.42
N GLU E 9 -30.19 4.56 -19.61
CA GLU E 9 -30.70 5.73 -20.30
C GLU E 9 -30.50 6.91 -19.38
N TRP E 10 -29.91 7.98 -19.89
CA TRP E 10 -29.65 9.14 -19.08
C TRP E 10 -30.77 10.18 -19.19
N GLU E 11 -30.88 10.99 -18.14
CA GLU E 11 -31.88 12.05 -18.07
C GLU E 11 -31.45 13.20 -18.96
N GLY E 12 -32.36 14.14 -19.21
CA GLY E 12 -32.03 15.29 -20.04
C GLY E 12 -32.23 16.59 -19.28
N ILE E 13 -31.52 17.64 -19.69
CA ILE E 13 -31.64 18.92 -19.01
C ILE E 13 -32.94 19.63 -19.36
N GLU E 14 -33.35 20.56 -18.51
CA GLU E 14 -34.60 21.27 -18.71
C GLU E 14 -34.42 22.78 -18.87
N SER E 15 -35.51 23.46 -19.24
CA SER E 15 -35.52 24.91 -19.40
C SER E 15 -34.32 25.54 -20.13
N GLY E 16 -34.07 26.82 -19.86
CA GLY E 16 -32.95 27.55 -20.43
C GLY E 16 -32.81 27.77 -21.94
N GLN F 1 13.25 8.04 17.35
CA GLN F 1 11.82 7.87 17.74
C GLN F 1 11.15 6.79 16.88
N VAL F 2 10.07 6.20 17.41
CA VAL F 2 9.34 5.16 16.70
C VAL F 2 7.88 5.55 16.50
N ARG F 3 7.31 5.14 15.37
CA ARG F 3 5.93 5.46 15.06
C ARG F 3 5.09 4.27 14.59
N GLN F 4 3.87 4.17 15.11
CA GLN F 4 2.94 3.10 14.75
C GLN F 4 1.67 3.78 14.24
N SER F 5 1.32 3.50 12.99
CA SER F 5 0.15 4.11 12.36
C SER F 5 -1.24 3.66 12.79
N PRO F 6 -1.54 2.35 12.74
CA PRO F 6 -2.87 1.87 13.14
C PRO F 6 -3.40 2.55 14.39
N GLN F 7 -2.89 2.16 15.55
CA GLN F 7 -3.31 2.73 16.82
C GLN F 7 -4.83 2.63 16.97
N SER F 8 -5.26 1.70 17.81
CA SER F 8 -6.69 1.46 18.02
C SER F 8 -7.25 0.88 16.72
N LEU F 9 -7.77 -0.34 16.79
CA LEU F 9 -8.32 -0.97 15.59
C LEU F 9 -9.13 -2.22 15.90
N THR F 10 -10.21 -2.41 15.13
CA THR F 10 -11.07 -3.57 15.30
C THR F 10 -11.16 -4.37 13.99
N VAL F 11 -11.15 -5.69 14.11
CA VAL F 11 -11.22 -6.55 12.93
C VAL F 11 -12.04 -7.83 13.20
N TRP F 12 -12.37 -8.55 12.14
CA TRP F 12 -13.13 -9.78 12.27
C TRP F 12 -12.23 -11.01 12.23
N GLU F 13 -12.66 -12.05 12.92
CA GLU F 13 -11.91 -13.30 13.01
C GLU F 13 -11.24 -13.75 11.71
N GLY F 14 -9.94 -14.03 11.81
CA GLY F 14 -9.18 -14.51 10.66
C GLY F 14 -8.62 -13.49 9.67
N GLU F 15 -9.29 -12.35 9.54
CA GLU F 15 -8.92 -11.29 8.60
C GLU F 15 -7.47 -10.80 8.46
N THR F 16 -6.50 -11.53 9.01
CA THR F 16 -5.10 -11.13 8.90
C THR F 16 -4.86 -9.66 9.25
N THR F 17 -4.57 -9.38 10.53
CA THR F 17 -4.34 -8.01 10.98
C THR F 17 -3.02 -7.47 10.47
N ILE F 18 -2.96 -6.14 10.31
CA ILE F 18 -1.77 -5.47 9.81
C ILE F 18 -1.38 -4.28 10.68
N LEU F 19 -0.27 -4.43 11.40
CA LEU F 19 0.22 -3.36 12.28
C LEU F 19 1.54 -2.81 11.74
N ASN F 20 1.53 -1.55 11.34
CA ASN F 20 2.72 -0.94 10.77
C ASN F 20 3.56 -0.18 11.79
N CYS F 21 4.87 -0.19 11.56
CA CYS F 21 5.82 0.49 12.44
C CYS F 21 6.93 1.08 11.58
N SER F 22 7.45 2.23 11.99
CA SER F 22 8.50 2.91 11.25
C SER F 22 9.43 3.70 12.18
N TYR F 23 10.65 3.98 11.71
CA TYR F 23 11.61 4.71 12.53
C TYR F 23 12.54 5.62 11.74
N GLU F 24 13.46 6.27 12.46
CA GLU F 24 14.43 7.18 11.86
C GLU F 24 15.66 7.20 12.77
N ASP F 25 16.48 6.22 12.48
CA ASP F 25 17.78 5.98 13.08
C ASP F 25 18.35 4.79 12.38
N SER F 26 19.58 4.83 12.06
CA SER F 26 20.15 3.66 11.48
C SER F 26 20.89 2.95 12.60
N THR F 27 20.97 3.65 13.72
CA THR F 27 21.63 3.11 14.92
C THR F 27 20.87 1.85 15.37
N PHE F 28 19.71 1.63 14.74
CA PHE F 28 18.87 0.49 15.05
C PHE F 28 19.23 -0.72 14.19
N ASP F 29 19.03 -1.90 14.75
CA ASP F 29 19.34 -3.15 14.07
C ASP F 29 18.47 -4.29 14.59
N TYR F 30 17.80 -4.05 15.70
CA TYR F 30 16.92 -5.06 16.28
C TYR F 30 15.54 -4.50 16.53
N PHE F 31 14.53 -5.24 16.07
CA PHE F 31 13.15 -4.80 16.22
C PHE F 31 12.23 -5.88 16.74
N PRO F 32 11.98 -5.86 18.06
CA PRO F 32 11.12 -6.81 18.75
C PRO F 32 9.73 -6.20 18.95
N TRP F 33 8.76 -7.06 19.22
CA TRP F 33 7.39 -6.62 19.43
C TRP F 33 6.89 -7.18 20.75
N TYR F 34 6.30 -6.31 21.56
CA TYR F 34 5.79 -6.75 22.85
C TYR F 34 4.28 -6.58 22.84
N ARG F 35 3.56 -7.68 23.05
CA ARG F 35 2.12 -7.65 23.09
C ARG F 35 1.74 -7.58 24.55
N GLN F 36 0.84 -6.66 24.89
CA GLN F 36 0.41 -6.51 26.27
C GLN F 36 -1.10 -6.69 26.35
N PHE F 37 -1.52 -7.73 27.04
CA PHE F 37 -2.95 -8.02 27.18
C PHE F 37 -3.60 -7.04 28.16
N PRO F 38 -4.90 -6.80 28.00
CA PRO F 38 -5.66 -5.89 28.86
C PRO F 38 -5.41 -6.06 30.35
N GLY F 39 -5.03 -4.96 31.00
CA GLY F 39 -4.77 -4.98 32.43
C GLY F 39 -3.58 -5.82 32.86
N LYS F 40 -2.70 -6.14 31.92
CA LYS F 40 -1.52 -6.93 32.22
C LYS F 40 -0.27 -6.20 31.79
N SER F 41 0.88 -6.83 32.00
CA SER F 41 2.15 -6.26 31.63
C SER F 41 2.48 -6.72 30.22
N PRO F 42 3.29 -5.95 29.49
CA PRO F 42 3.64 -6.36 28.12
C PRO F 42 4.74 -7.41 28.17
N ALA F 43 4.82 -8.23 27.13
CA ALA F 43 5.83 -9.28 27.05
C ALA F 43 6.34 -9.38 25.62
N LEU F 44 7.63 -9.65 25.48
CA LEU F 44 8.21 -9.78 24.15
C LEU F 44 7.43 -10.83 23.39
N LEU F 45 7.02 -10.49 22.18
CA LEU F 45 6.24 -11.39 21.34
C LEU F 45 6.98 -11.90 20.12
N ILE F 46 7.58 -10.98 19.37
CA ILE F 46 8.32 -11.34 18.16
C ILE F 46 9.39 -10.29 17.87
N ALA F 47 10.52 -10.70 17.30
CA ALA F 47 11.60 -9.78 16.98
C ALA F 47 12.31 -10.09 15.67
N ILE F 48 12.87 -9.06 15.04
CA ILE F 48 13.57 -9.21 13.77
C ILE F 48 14.82 -8.33 13.72
N SER F 49 15.75 -8.66 12.82
CA SER F 49 16.98 -7.88 12.69
C SER F 49 17.24 -7.46 11.24
N LEU F 50 17.87 -6.29 11.09
CA LEU F 50 18.21 -5.72 9.79
C LEU F 50 18.56 -6.78 8.75
N VAL F 51 19.43 -7.71 9.14
CA VAL F 51 19.89 -8.78 8.27
C VAL F 51 18.79 -9.35 7.37
N SER F 52 17.79 -9.97 8.00
CA SER F 52 16.68 -10.56 7.26
C SER F 52 15.55 -9.54 7.14
N ASN F 53 14.53 -9.86 6.35
CA ASN F 53 13.40 -8.97 6.16
C ASN F 53 12.07 -9.68 6.38
N LYS F 54 12.12 -10.81 7.10
CA LYS F 54 10.92 -11.57 7.39
C LYS F 54 11.20 -12.66 8.43
N LYS F 55 10.27 -12.83 9.37
CA LYS F 55 10.39 -13.84 10.40
C LYS F 55 9.01 -14.41 10.69
N GLU F 56 8.87 -15.73 10.58
CA GLU F 56 7.58 -16.37 10.82
C GLU F 56 7.52 -17.08 12.18
N ASP F 57 6.32 -17.15 12.72
CA ASP F 57 6.05 -17.81 14.00
C ASP F 57 4.53 -17.80 14.18
N GLY F 58 3.94 -18.99 14.31
CA GLY F 58 2.50 -19.06 14.43
C GLY F 58 1.96 -18.31 13.23
N ARG F 59 0.89 -17.56 13.41
CA ARG F 59 0.33 -16.79 12.32
C ARG F 59 0.90 -15.39 12.41
N PHE F 60 1.93 -15.22 13.24
CA PHE F 60 2.59 -13.95 13.41
C PHE F 60 3.74 -13.85 12.41
N THR F 61 4.00 -12.63 11.92
CA THR F 61 5.08 -12.43 10.97
C THR F 61 5.48 -10.95 10.90
N ILE F 62 6.78 -10.69 10.97
CA ILE F 62 7.29 -9.34 10.89
C ILE F 62 7.80 -9.14 9.48
N PHE F 63 7.49 -7.98 8.90
CA PHE F 63 7.94 -7.67 7.56
C PHE F 63 8.77 -6.42 7.65
N PHE F 64 10.08 -6.61 7.46
CA PHE F 64 11.03 -5.52 7.56
C PHE F 64 11.65 -5.09 6.25
N ASN F 65 11.47 -3.83 5.92
CA ASN F 65 12.04 -3.28 4.70
C ASN F 65 13.11 -2.29 5.14
N LYS F 66 14.38 -2.66 4.99
CA LYS F 66 15.48 -1.76 5.38
C LYS F 66 15.07 -0.44 4.87
N ARG F 67 15.63 0.00 3.83
CA ARG F 67 15.34 1.37 3.55
C ARG F 67 13.97 1.69 3.10
N GLU F 68 13.18 1.80 4.03
CA GLU F 68 11.98 2.51 3.91
C GLU F 68 11.77 2.80 5.34
N LYS F 69 12.58 2.08 6.10
CA LYS F 69 12.56 2.14 7.55
C LYS F 69 11.09 2.09 8.00
N LYS F 70 10.46 1.11 7.32
CA LYS F 70 9.04 0.63 7.50
C LYS F 70 9.14 -0.82 7.92
N LEU F 71 8.36 -1.18 8.92
CA LEU F 71 8.34 -2.52 9.45
C LEU F 71 6.87 -2.80 9.69
N SER F 72 6.47 -4.06 9.72
CA SER F 72 5.06 -4.38 9.93
C SER F 72 4.86 -5.73 10.57
N LEU F 73 3.75 -5.88 11.29
CA LEU F 73 3.43 -7.14 11.94
C LEU F 73 2.13 -7.70 11.40
N HIS F 74 2.15 -8.98 11.05
CA HIS F 74 0.97 -9.63 10.51
C HIS F 74 0.45 -10.79 11.36
N ILE F 75 -0.80 -10.67 11.77
CA ILE F 75 -1.45 -11.72 12.54
C ILE F 75 -2.46 -12.32 11.58
N THR F 76 -2.21 -13.56 11.17
CA THR F 76 -3.09 -14.25 10.25
C THR F 76 -4.09 -15.06 11.07
N ASP F 77 -5.22 -15.42 10.46
CA ASP F 77 -6.22 -16.19 11.19
C ASP F 77 -6.52 -15.47 12.50
N SER F 78 -6.25 -14.17 12.52
CA SER F 78 -6.46 -13.30 13.67
C SER F 78 -7.68 -13.67 14.51
N GLN F 79 -7.44 -14.28 15.66
CA GLN F 79 -8.51 -14.70 16.56
C GLN F 79 -8.82 -13.68 17.65
N PRO F 80 -10.06 -13.70 18.17
CA PRO F 80 -10.42 -12.75 19.22
C PRO F 80 -9.62 -13.23 20.42
N GLY F 81 -9.02 -12.33 21.16
CA GLY F 81 -8.21 -12.74 22.29
C GLY F 81 -6.79 -12.51 21.85
N ASP F 82 -6.63 -12.28 20.55
CA ASP F 82 -5.32 -11.96 19.99
C ASP F 82 -5.30 -10.47 20.28
N SER F 83 -6.45 -10.00 20.75
CA SER F 83 -6.64 -8.60 21.11
C SER F 83 -5.70 -8.27 22.24
N ALA F 84 -4.98 -7.17 22.09
CA ALA F 84 -4.04 -6.71 23.09
C ALA F 84 -3.59 -5.34 22.64
N THR F 85 -2.39 -4.95 23.06
CA THR F 85 -1.82 -3.67 22.67
C THR F 85 -0.43 -4.02 22.19
N TYR F 86 -0.31 -4.20 20.88
CA TYR F 86 0.95 -4.59 20.26
C TYR F 86 1.93 -3.44 20.16
N PHE F 87 3.08 -3.63 20.82
CA PHE F 87 4.14 -2.65 20.83
C PHE F 87 5.27 -3.04 19.89
N CYS F 88 5.71 -2.10 19.07
CA CYS F 88 6.81 -2.35 18.16
C CYS F 88 7.96 -1.52 18.71
N ALA F 89 9.00 -2.20 19.19
CA ALA F 89 10.15 -1.52 19.72
C ALA F 89 11.33 -1.72 18.79
N ALA F 90 12.44 -1.05 19.09
CA ALA F 90 13.63 -1.16 18.27
C ALA F 90 14.81 -0.46 18.93
N THR F 91 16.00 -1.05 18.79
CA THR F 91 17.18 -0.47 19.38
C THR F 91 18.46 -0.93 18.71
N GLY F 92 19.56 -0.46 19.28
CA GLY F 92 20.87 -0.80 18.81
C GLY F 92 21.72 -0.64 20.06
N SER F 93 21.27 -1.20 21.17
CA SER F 93 22.01 -1.02 22.40
C SER F 93 22.12 -2.13 23.45
N PHE F 94 21.65 -3.34 23.15
CA PHE F 94 21.78 -4.40 24.15
C PHE F 94 20.83 -4.13 25.34
N ASN F 95 19.67 -4.76 25.31
CA ASN F 95 18.63 -4.67 26.35
C ASN F 95 17.85 -3.38 26.50
N LYS F 96 18.41 -2.27 26.04
CA LYS F 96 17.71 -0.99 26.13
C LYS F 96 16.75 -0.98 24.95
N LEU F 97 15.53 -0.53 25.17
CA LEU F 97 14.54 -0.50 24.10
C LEU F 97 13.93 0.88 23.95
N THR F 98 13.49 1.17 22.73
CA THR F 98 12.84 2.45 22.43
C THR F 98 11.52 2.04 21.78
N PHE F 99 10.47 2.02 22.58
CA PHE F 99 9.15 1.60 22.13
C PHE F 99 8.34 2.59 21.33
N GLY F 100 7.51 2.07 20.43
CA GLY F 100 6.64 2.92 19.65
C GLY F 100 5.52 3.30 20.58
N ALA F 101 4.43 3.86 20.06
CA ALA F 101 3.32 4.26 20.90
C ALA F 101 2.36 3.09 21.13
N GLY F 102 2.63 1.98 20.47
CA GLY F 102 1.78 0.81 20.64
C GLY F 102 0.39 0.98 20.07
N THR F 103 -0.04 0.00 19.29
CA THR F 103 -1.38 0.01 18.68
C THR F 103 -2.32 -0.99 19.40
N ARG F 104 -3.58 -0.54 19.64
CA ARG F 104 -4.62 -1.44 20.23
C ARG F 104 -5.40 -2.21 19.11
N LEU F 105 -5.45 -3.55 19.24
CA LEU F 105 -6.29 -4.41 18.36
C LEU F 105 -7.40 -5.02 19.20
N ALA F 106 -8.47 -5.19 18.58
CA ALA F 106 -9.56 -5.85 19.20
C ALA F 106 -10.16 -6.67 18.13
N VAL F 107 -9.95 -7.97 18.27
CA VAL F 107 -10.53 -8.86 17.27
C VAL F 107 -11.93 -9.25 17.70
N SER F 108 -12.93 -8.59 17.13
CA SER F 108 -14.32 -8.85 17.47
C SER F 108 -14.93 -9.95 16.61
N PRO F 109 -15.49 -10.99 17.23
CA PRO F 109 -16.10 -12.08 16.49
C PRO F 109 -17.57 -11.77 16.22
N TYR F 110 -18.31 -12.80 15.84
CA TYR F 110 -19.74 -12.74 15.52
C TYR F 110 -19.91 -13.08 14.04
N ALA G 1 12.10 -12.69 38.15
CA ALA G 1 10.81 -12.29 38.78
C ALA G 1 10.80 -10.81 39.13
N VAL G 2 10.04 -10.02 38.36
CA VAL G 2 9.95 -8.58 38.60
C VAL G 2 8.72 -8.23 39.41
N THR G 3 8.93 -7.51 40.51
CA THR G 3 7.85 -7.11 41.42
C THR G 3 7.66 -5.59 41.53
N GLN G 4 6.41 -5.19 41.70
CA GLN G 4 6.04 -3.78 41.85
C GLN G 4 5.26 -3.69 43.16
N SER G 5 5.80 -2.98 44.13
CA SER G 5 5.18 -2.84 45.45
C SER G 5 3.70 -2.42 45.45
N PRO G 6 3.39 -1.12 45.43
CA PRO G 6 1.95 -0.85 45.44
C PRO G 6 1.41 -1.02 44.02
N ARG G 7 0.36 -1.81 43.88
CA ARG G 7 -0.23 -2.03 42.56
C ARG G 7 -1.22 -0.90 42.28
N ASN G 8 -1.20 0.10 43.16
CA ASN G 8 -2.09 1.25 43.04
C ASN G 8 -1.85 2.20 44.22
N LYS G 9 -1.55 3.45 43.91
CA LYS G 9 -1.32 4.46 44.93
C LYS G 9 -1.94 5.78 44.51
N VAL G 10 -2.26 6.61 45.50
CA VAL G 10 -2.84 7.92 45.26
C VAL G 10 -2.06 8.92 46.09
N ALA G 11 -1.92 10.13 45.59
CA ALA G 11 -1.19 11.17 46.30
C ALA G 11 -1.68 12.55 45.88
N VAL G 12 -1.65 13.49 46.82
CA VAL G 12 -2.07 14.85 46.55
C VAL G 12 -0.90 15.60 45.93
N THR G 13 -1.20 16.47 44.96
CA THR G 13 -0.19 17.25 44.26
C THR G 13 1.01 17.61 45.14
N GLY G 14 2.19 17.60 44.52
CA GLY G 14 3.41 17.95 45.24
C GLY G 14 3.60 17.33 46.60
N GLY G 15 3.42 16.01 46.69
CA GLY G 15 3.56 15.35 47.99
C GLY G 15 4.66 14.30 48.08
N LYS G 16 5.47 14.19 47.04
CA LYS G 16 6.56 13.21 47.00
C LYS G 16 6.04 11.77 47.09
N VAL G 17 6.24 11.02 46.01
CA VAL G 17 5.81 9.62 45.95
C VAL G 17 6.96 8.77 45.48
N THR G 18 7.07 7.57 46.06
CA THR G 18 8.13 6.65 45.68
C THR G 18 7.52 5.37 45.10
N LEU G 19 8.18 4.83 44.09
CA LEU G 19 7.75 3.60 43.46
C LEU G 19 8.95 2.66 43.54
N SER G 20 8.77 1.53 44.21
CA SER G 20 9.84 0.57 44.39
C SER G 20 9.74 -0.67 43.51
N CYS G 21 10.80 -0.95 42.77
CA CYS G 21 10.83 -2.13 41.91
C CYS G 21 11.95 -3.06 42.35
N ASN G 22 11.61 -4.32 42.59
CA ASN G 22 12.57 -5.32 43.04
C ASN G 22 12.60 -6.52 42.10
N GLN G 23 13.77 -7.12 41.93
CA GLN G 23 13.88 -8.24 41.02
C GLN G 23 14.57 -9.50 41.54
N THR G 24 13.82 -10.60 41.57
CA THR G 24 14.35 -11.88 41.99
C THR G 24 14.96 -12.45 40.73
N ASN G 25 16.11 -13.11 40.86
CA ASN G 25 16.80 -13.65 39.70
C ASN G 25 17.24 -12.44 38.90
N ASN G 26 18.20 -11.74 39.48
CA ASN G 26 18.76 -10.52 38.95
C ASN G 26 18.98 -10.42 37.44
N HIS G 27 19.23 -9.19 37.04
CA HIS G 27 19.52 -8.79 35.67
C HIS G 27 20.30 -7.51 36.01
N ASN G 28 21.26 -7.13 35.19
CA ASN G 28 22.06 -5.97 35.50
C ASN G 28 21.38 -4.61 35.47
N ASN G 29 20.53 -4.39 34.48
CA ASN G 29 19.86 -3.10 34.39
C ASN G 29 18.34 -3.19 34.43
N MET G 30 17.72 -2.21 35.08
CA MET G 30 16.27 -2.16 35.18
C MET G 30 15.83 -0.87 34.52
N TYR G 31 14.53 -0.74 34.27
CA TYR G 31 13.98 0.45 33.67
C TYR G 31 12.60 0.76 34.24
N TRP G 32 12.26 2.04 34.20
CA TRP G 32 10.96 2.50 34.66
C TRP G 32 10.31 3.10 33.41
N TYR G 33 9.02 2.89 33.27
CA TYR G 33 8.28 3.41 32.15
C TYR G 33 7.05 4.08 32.71
N ARG G 34 6.15 4.49 31.82
CA ARG G 34 4.94 5.15 32.27
C ARG G 34 3.87 5.00 31.19
N GLN G 35 2.98 4.05 31.41
CA GLN G 35 1.90 3.76 30.48
C GLN G 35 0.85 4.84 30.52
N ASP G 36 0.40 5.25 29.35
CA ASP G 36 -0.63 6.27 29.23
C ASP G 36 -1.50 5.89 28.04
N THR G 37 -2.80 5.89 28.26
CA THR G 37 -3.74 5.53 27.21
C THR G 37 -3.63 6.52 26.04
N GLY G 38 -2.61 7.36 26.10
CA GLY G 38 -2.37 8.34 25.05
C GLY G 38 -1.09 8.00 24.32
N HIS G 39 0.04 8.11 25.01
CA HIS G 39 1.34 7.78 24.42
C HIS G 39 1.87 6.52 25.09
N GLY G 40 1.59 5.36 24.49
CA GLY G 40 2.02 4.09 25.03
C GLY G 40 3.41 3.95 25.61
N LEU G 41 3.50 3.26 26.73
CA LEU G 41 4.77 3.02 27.40
C LEU G 41 5.54 4.32 27.57
N ARG G 42 6.77 4.34 27.08
CA ARG G 42 7.65 5.51 27.12
C ARG G 42 8.51 5.67 28.38
N LEU G 43 9.80 5.36 28.20
CA LEU G 43 10.80 5.35 29.26
C LEU G 43 11.19 6.60 30.05
N ILE G 44 11.11 6.52 31.38
CA ILE G 44 11.49 7.61 32.26
C ILE G 44 12.99 7.52 32.52
N HIS G 45 13.38 6.92 33.64
CA HIS G 45 14.78 6.76 33.98
C HIS G 45 15.19 5.29 33.77
N TYR G 46 16.38 4.93 34.27
CA TYR G 46 16.88 3.56 34.15
C TYR G 46 18.34 3.48 34.58
N SER G 47 18.90 2.27 34.60
CA SER G 47 20.29 2.11 35.02
C SER G 47 20.92 0.75 34.75
N TYR G 48 22.23 0.77 34.47
CA TYR G 48 23.01 -0.43 34.18
C TYR G 48 23.38 -1.23 35.45
N GLY G 49 22.90 -0.80 36.61
CA GLY G 49 23.24 -1.56 37.84
C GLY G 49 23.57 -0.67 39.06
N ALA G 50 24.10 -1.34 40.11
CA ALA G 50 24.29 -0.73 41.46
C ALA G 50 24.55 0.78 41.39
N GLY G 51 25.70 1.35 41.49
CA GLY G 51 25.68 2.86 41.59
C GLY G 51 25.05 3.73 40.41
N SER G 52 24.58 3.16 39.30
CA SER G 52 24.20 4.02 38.10
C SER G 52 22.74 4.46 38.00
N THR G 53 22.54 5.68 37.53
CA THR G 53 21.21 6.25 37.30
C THR G 53 21.35 6.97 35.96
N GLU G 54 20.42 6.75 35.06
CA GLU G 54 20.51 7.36 33.74
C GLU G 54 19.20 7.97 33.28
N LYS G 55 19.26 9.21 32.82
CA LYS G 55 18.09 9.92 32.34
C LYS G 55 17.57 9.18 31.13
N GLY G 56 16.26 9.16 30.96
CA GLY G 56 15.66 8.48 29.82
C GLY G 56 15.15 9.52 28.84
N ASP G 57 13.96 9.30 28.31
CA ASP G 57 13.37 10.23 27.35
C ASP G 57 12.28 11.09 27.99
N ILE G 58 12.12 10.95 29.30
CA ILE G 58 11.15 11.73 30.08
C ILE G 58 11.74 12.00 31.46
N PRO G 59 13.06 12.27 31.53
CA PRO G 59 13.68 12.52 32.84
C PRO G 59 12.99 13.59 33.67
N ASP G 60 12.54 14.66 33.02
CA ASP G 60 11.88 15.77 33.69
C ASP G 60 10.86 15.34 34.75
N GLY G 61 10.94 15.98 35.92
CA GLY G 61 10.01 15.69 37.00
C GLY G 61 10.21 14.41 37.78
N TYR G 62 11.15 13.58 37.36
CA TYR G 62 11.41 12.32 38.05
C TYR G 62 12.86 12.22 38.50
N LYS G 63 13.09 11.33 39.45
CA LYS G 63 14.42 11.10 39.98
C LYS G 63 14.51 9.62 40.32
N ALA G 64 15.31 8.88 39.57
CA ALA G 64 15.46 7.45 39.80
C ALA G 64 16.63 7.16 40.74
N SER G 65 16.61 5.96 41.31
CA SER G 65 17.67 5.55 42.21
C SER G 65 17.72 4.04 42.30
N ARG G 66 18.92 3.49 42.17
CA ARG G 66 19.12 2.06 42.28
C ARG G 66 20.20 1.91 43.34
N PRO G 67 19.83 1.38 44.51
CA PRO G 67 20.79 1.18 45.60
C PRO G 67 21.58 -0.12 45.58
N SER G 68 21.20 -1.05 44.71
CA SER G 68 21.90 -2.33 44.62
C SER G 68 21.12 -3.34 43.80
N GLN G 69 21.33 -3.38 42.49
CA GLN G 69 20.60 -4.35 41.67
C GLN G 69 19.22 -4.48 42.28
N GLU G 70 18.77 -5.71 42.47
CA GLU G 70 17.48 -6.00 43.08
C GLU G 70 16.46 -4.85 43.09
N ASN G 71 16.74 -3.79 43.85
CA ASN G 71 15.83 -2.64 43.91
C ASN G 71 16.23 -1.45 43.02
N PHE G 72 15.20 -0.77 42.53
CA PHE G 72 15.35 0.40 41.67
C PHE G 72 14.09 1.24 41.90
N SER G 73 14.21 2.34 42.65
CA SER G 73 13.06 3.17 42.96
C SER G 73 12.97 4.48 42.18
N LEU G 74 11.74 4.91 41.93
CA LEU G 74 11.44 6.14 41.22
C LEU G 74 10.87 7.13 42.24
N ILE G 75 11.39 8.35 42.25
CA ILE G 75 10.93 9.35 43.21
C ILE G 75 10.33 10.60 42.58
N LEU G 76 9.24 11.07 43.17
CA LEU G 76 8.54 12.25 42.68
C LEU G 76 8.30 13.29 43.76
N GLU G 77 9.36 13.87 44.30
CA GLU G 77 9.17 14.90 45.32
C GLU G 77 8.43 16.00 44.60
N LEU G 78 7.26 16.36 45.12
CA LEU G 78 6.43 17.39 44.51
C LEU G 78 5.82 16.83 43.22
N ALA G 79 4.96 15.83 43.38
CA ALA G 79 4.29 15.18 42.25
C ALA G 79 3.43 16.18 41.50
N THR G 80 2.51 15.67 40.68
CA THR G 80 1.61 16.51 39.91
C THR G 80 0.72 15.66 39.00
N PRO G 81 -0.58 15.98 38.94
CA PRO G 81 -1.55 15.25 38.12
C PRO G 81 -0.97 14.82 36.76
N SER G 82 -0.08 15.65 36.21
CA SER G 82 0.54 15.34 34.94
C SER G 82 1.19 13.97 35.00
N GLN G 83 1.53 13.54 36.22
CA GLN G 83 2.17 12.25 36.45
C GLN G 83 1.20 11.18 36.95
N THR G 84 -0.07 11.28 36.55
CA THR G 84 -1.09 10.32 36.97
C THR G 84 -1.19 9.14 36.00
N SER G 85 -0.04 8.63 35.58
CA SER G 85 -0.02 7.51 34.64
C SER G 85 -0.05 6.16 35.37
N VAL G 86 0.48 5.14 34.72
CA VAL G 86 0.56 3.78 35.27
C VAL G 86 2.01 3.33 35.02
N TYR G 87 2.86 3.54 36.02
CA TYR G 87 4.27 3.20 35.91
C TYR G 87 4.61 1.72 35.89
N PHE G 88 5.42 1.35 34.89
CA PHE G 88 5.85 -0.02 34.67
C PHE G 88 7.36 -0.13 34.83
N CYS G 89 7.80 -1.11 35.62
CA CYS G 89 9.23 -1.33 35.80
C CYS G 89 9.59 -2.57 34.99
N ALA G 90 10.84 -2.65 34.55
CA ALA G 90 11.27 -3.79 33.76
C ALA G 90 12.75 -4.09 33.98
N SER G 91 13.13 -5.34 33.75
CA SER G 91 14.51 -5.76 33.94
C SER G 91 15.01 -6.60 32.76
N GLY G 92 16.33 -6.58 32.58
CA GLY G 92 16.93 -7.33 31.49
C GLY G 92 18.41 -7.49 31.75
N GLY G 93 19.05 -8.45 31.07
CA GLY G 93 20.46 -8.65 31.27
C GLY G 93 21.16 -9.35 30.12
N GLN G 94 20.38 -9.75 29.11
CA GLN G 94 20.96 -10.44 27.95
C GLN G 94 20.94 -9.58 26.68
N GLY G 95 21.91 -9.80 25.80
CA GLY G 95 21.97 -9.02 24.58
C GLY G 95 20.98 -9.39 23.48
N ARG G 96 19.97 -8.58 23.27
CA ARG G 96 18.97 -8.86 22.22
C ARG G 96 17.91 -7.89 22.65
N ALA G 97 17.99 -7.59 23.94
CA ALA G 97 17.14 -6.66 24.65
C ALA G 97 15.91 -7.27 25.28
N GLU G 98 15.94 -8.59 25.51
CA GLU G 98 14.80 -9.25 26.16
C GLU G 98 14.58 -8.49 27.47
N GLN G 99 13.50 -7.73 27.53
CA GLN G 99 13.18 -6.94 28.72
C GLN G 99 11.97 -7.56 29.42
N PHE G 100 12.11 -7.78 30.73
CA PHE G 100 11.03 -8.37 31.52
C PHE G 100 10.32 -7.31 32.35
N PHE G 101 9.00 -7.29 32.25
CA PHE G 101 8.21 -6.28 32.94
C PHE G 101 7.57 -6.64 34.28
N GLY G 102 7.24 -5.58 35.02
CA GLY G 102 6.60 -5.74 36.32
C GLY G 102 5.10 -5.70 36.11
N PRO G 103 4.30 -5.98 37.13
CA PRO G 103 2.84 -5.97 37.01
C PRO G 103 2.23 -4.59 36.75
N GLY G 104 3.00 -3.55 37.02
CA GLY G 104 2.50 -2.20 36.80
C GLY G 104 2.05 -1.56 38.10
N THR G 105 1.96 -0.24 38.10
CA THR G 105 1.54 0.50 39.28
C THR G 105 0.76 1.73 38.84
N ARG G 106 -0.49 1.84 39.26
CA ARG G 106 -1.30 2.99 38.86
C ARG G 106 -1.20 4.13 39.86
N LEU G 107 -0.66 5.25 39.42
CA LEU G 107 -0.54 6.41 40.29
C LEU G 107 -1.54 7.46 39.89
N THR G 108 -2.30 7.93 40.87
CA THR G 108 -3.30 8.96 40.65
C THR G 108 -3.00 10.16 41.52
N VAL G 109 -2.44 11.20 40.93
CA VAL G 109 -2.13 12.42 41.67
C VAL G 109 -3.45 13.17 41.74
N LEU G 110 -4.01 13.27 42.93
CA LEU G 110 -5.30 13.93 43.10
C LEU G 110 -5.31 15.43 42.83
N GLY G 111 -4.38 16.15 43.45
CA GLY G 111 -4.29 17.59 43.28
C GLY G 111 -5.43 18.29 42.55
N SER G 112 -5.30 18.42 41.23
CA SER G 112 -6.34 19.08 40.44
C SER G 112 -6.49 18.45 39.06
N ILE H 1 45.27 -6.37 8.40
CA ILE H 1 45.20 -6.19 6.95
C ILE H 1 45.43 -4.73 6.60
N GLU H 2 45.38 -4.44 5.30
CA GLU H 2 45.58 -3.08 4.82
C GLU H 2 44.38 -2.62 3.97
N ALA H 3 43.81 -1.49 4.36
CA ALA H 3 42.66 -0.92 3.67
C ALA H 3 42.87 0.59 3.60
N ASP H 4 41.97 1.28 2.91
CA ASP H 4 42.09 2.73 2.77
C ASP H 4 41.93 3.47 4.10
N HIS H 5 41.00 3.02 4.94
CA HIS H 5 40.79 3.67 6.23
C HIS H 5 40.39 2.70 7.34
N VAL H 6 40.61 3.11 8.58
CA VAL H 6 40.31 2.25 9.74
C VAL H 6 39.46 2.93 10.80
N GLY H 7 38.27 2.38 11.00
CA GLY H 7 37.38 2.94 12.01
C GLY H 7 37.19 2.04 13.21
N SER H 8 37.91 2.31 14.28
CA SER H 8 37.78 1.54 15.51
C SER H 8 36.78 2.34 16.34
N TYR H 9 35.50 2.02 16.13
CA TYR H 9 34.43 2.73 16.81
C TYR H 9 34.02 2.16 18.17
N GLY H 10 34.56 2.77 19.23
CA GLY H 10 34.21 2.35 20.58
C GLY H 10 35.04 1.22 21.16
N ILE H 11 36.26 1.52 21.58
CA ILE H 11 37.12 0.52 22.18
C ILE H 11 36.98 0.60 23.69
N THR H 12 36.07 -0.20 24.23
CA THR H 12 35.81 -0.25 25.66
C THR H 12 36.95 -0.98 26.35
N VAL H 13 37.43 -0.43 27.45
CA VAL H 13 38.51 -1.07 28.19
C VAL H 13 38.26 -0.93 29.69
N TYR H 14 38.25 -2.07 30.36
CA TYR H 14 38.02 -2.12 31.80
C TYR H 14 39.16 -2.88 32.44
N GLN H 15 39.52 -2.49 33.66
CA GLN H 15 40.58 -3.14 34.40
C GLN H 15 40.24 -3.14 35.87
N SER H 16 40.73 -4.15 36.59
CA SER H 16 40.46 -4.26 38.02
C SER H 16 41.70 -4.75 38.75
N PRO H 17 41.85 -4.37 40.03
CA PRO H 17 40.90 -3.52 40.74
C PRO H 17 41.16 -2.02 40.58
N GLY H 18 40.28 -1.22 41.17
CA GLY H 18 40.41 0.23 41.07
C GLY H 18 39.31 0.78 40.18
N ASP H 19 38.70 -0.12 39.41
CA ASP H 19 37.61 0.22 38.50
C ASP H 19 38.10 1.09 37.36
N ILE H 20 38.84 0.47 36.44
CA ILE H 20 39.40 1.18 35.29
C ILE H 20 38.48 1.09 34.08
N GLY H 21 38.32 2.20 33.38
CA GLY H 21 37.46 2.19 32.21
C GLY H 21 37.77 3.29 31.20
N GLN H 22 37.67 2.94 29.92
CA GLN H 22 37.92 3.89 28.85
C GLN H 22 37.24 3.45 27.56
N TYR H 23 36.29 4.26 27.11
CA TYR H 23 35.56 4.01 25.89
C TYR H 23 36.15 5.01 24.90
N THR H 24 36.54 4.54 23.72
CA THR H 24 37.16 5.44 22.76
C THR H 24 36.82 5.13 21.31
N PHE H 25 36.76 6.19 20.50
CA PHE H 25 36.48 6.06 19.07
C PHE H 25 37.73 6.45 18.32
N GLU H 26 38.13 5.64 17.35
CA GLU H 26 39.32 5.93 16.58
C GLU H 26 39.08 5.81 15.09
N PHE H 27 39.81 6.61 14.32
CA PHE H 27 39.72 6.61 12.87
C PHE H 27 41.10 6.99 12.34
N ASP H 28 41.67 6.11 11.51
CA ASP H 28 42.99 6.34 10.94
C ASP H 28 44.09 6.25 12.00
N GLY H 29 43.71 6.29 13.27
CA GLY H 29 44.69 6.18 14.33
C GLY H 29 44.76 7.38 15.28
N ASP H 30 44.12 8.48 14.91
CA ASP H 30 44.13 9.67 15.75
C ASP H 30 42.91 9.59 16.68
N GLU H 31 42.97 10.29 17.82
CA GLU H 31 41.86 10.24 18.77
C GLU H 31 40.62 11.01 18.34
N LEU H 32 39.59 10.27 17.96
CA LEU H 32 38.34 10.86 17.55
C LEU H 32 37.72 11.50 18.79
N PHE H 33 37.47 10.67 19.80
CA PHE H 33 36.91 11.13 21.06
C PHE H 33 36.88 10.01 22.09
N TYR H 34 36.70 10.40 23.35
CA TYR H 34 36.63 9.45 24.46
C TYR H 34 35.47 9.93 25.32
N VAL H 35 35.03 9.11 26.26
CA VAL H 35 33.90 9.49 27.11
C VAL H 35 34.26 9.70 28.57
N ASP H 36 33.90 10.86 29.12
CA ASP H 36 34.17 11.11 30.53
C ASP H 36 33.10 10.34 31.28
N LEU H 37 33.43 9.11 31.65
CA LEU H 37 32.52 8.23 32.35
C LEU H 37 31.93 8.79 33.63
N ASP H 38 32.42 9.93 34.08
CA ASP H 38 31.91 10.55 35.31
C ASP H 38 31.05 11.77 35.00
N LYS H 39 31.17 12.28 33.78
CA LYS H 39 30.38 13.44 33.35
C LYS H 39 29.34 12.95 32.36
N LYS H 40 29.48 11.68 31.94
CA LYS H 40 28.56 11.10 30.96
C LYS H 40 28.56 12.06 29.79
N GLU H 41 29.75 12.31 29.26
CA GLU H 41 29.93 13.23 28.15
C GLU H 41 30.84 12.72 27.04
N THR H 42 30.52 13.10 25.82
CA THR H 42 31.31 12.72 24.66
C THR H 42 32.26 13.87 24.38
N VAL H 43 33.56 13.60 24.46
CA VAL H 43 34.55 14.65 24.23
C VAL H 43 35.45 14.34 23.04
N TRP H 44 35.42 15.22 22.06
CA TRP H 44 36.22 15.07 20.85
C TRP H 44 37.54 15.83 20.96
N MET H 45 38.57 15.31 20.31
CA MET H 45 39.87 15.95 20.32
C MET H 45 39.76 17.28 19.58
N LEU H 46 38.96 17.28 18.51
CA LEU H 46 38.78 18.46 17.67
C LEU H 46 37.35 19.01 17.70
N PRO H 47 37.08 19.98 18.59
CA PRO H 47 35.79 20.64 18.81
C PRO H 47 34.80 20.70 17.65
N GLU H 48 35.00 21.64 16.72
CA GLU H 48 34.09 21.81 15.57
C GLU H 48 33.74 20.53 14.82
N PHE H 49 34.36 19.42 15.21
CA PHE H 49 34.09 18.11 14.62
C PHE H 49 32.70 17.76 15.12
N ALA H 50 32.43 18.20 16.35
CA ALA H 50 31.17 17.99 17.05
C ALA H 50 29.96 18.34 16.19
N GLN H 51 29.50 19.58 16.31
CA GLN H 51 28.33 20.05 15.56
C GLN H 51 28.47 19.80 14.06
N LEU H 52 28.42 18.53 13.71
CA LEU H 52 28.54 18.06 12.33
C LEU H 52 28.43 16.53 12.40
N ARG H 53 28.34 16.04 13.63
CA ARG H 53 28.22 14.61 13.94
C ARG H 53 28.15 14.48 15.46
N ARG H 54 27.40 13.51 15.97
CA ARG H 54 27.29 13.36 17.43
C ARG H 54 27.00 11.94 17.96
N PHE H 55 27.70 11.58 19.03
CA PHE H 55 27.58 10.26 19.65
C PHE H 55 27.02 10.34 21.08
N GLU H 56 26.02 9.51 21.37
CA GLU H 56 25.40 9.48 22.70
C GLU H 56 26.25 8.71 23.71
N PRO H 57 26.73 9.40 24.76
CA PRO H 57 27.56 8.80 25.81
C PRO H 57 27.04 7.43 26.28
N GLN H 58 25.73 7.32 26.41
CA GLN H 58 25.09 6.08 26.85
C GLN H 58 25.86 4.87 26.33
N GLY H 59 25.83 4.68 25.01
CA GLY H 59 26.52 3.56 24.39
C GLY H 59 27.83 3.17 25.03
N GLY H 60 28.58 4.16 25.51
CA GLY H 60 29.85 3.87 26.16
C GLY H 60 29.62 3.17 27.48
N LEU H 61 28.85 3.82 28.36
CA LEU H 61 28.55 3.28 29.67
C LEU H 61 28.04 1.84 29.55
N GLN H 62 27.13 1.60 28.62
CA GLN H 62 26.60 0.26 28.42
C GLN H 62 27.75 -0.72 28.28
N ASN H 63 28.54 -0.52 27.23
CA ASN H 63 29.69 -1.37 26.96
C ASN H 63 30.70 -1.31 28.09
N ILE H 64 30.82 -0.12 28.69
CA ILE H 64 31.74 0.05 29.81
C ILE H 64 31.35 -0.99 30.85
N ALA H 65 30.07 -0.98 31.23
CA ALA H 65 29.55 -1.91 32.21
C ALA H 65 29.71 -3.34 31.70
N THR H 66 29.41 -3.55 30.42
CA THR H 66 29.54 -4.88 29.81
C THR H 66 30.96 -5.37 30.06
N GLY H 67 31.92 -4.45 29.94
CA GLY H 67 33.31 -4.79 30.17
C GLY H 67 33.52 -5.31 31.57
N LYS H 68 33.08 -4.55 32.56
CA LYS H 68 33.21 -4.95 33.96
C LYS H 68 32.77 -6.40 34.12
N HIS H 69 31.67 -6.74 33.45
CA HIS H 69 31.13 -8.09 33.49
C HIS H 69 32.20 -9.06 32.97
N ASN H 70 32.43 -9.01 31.67
CA ASN H 70 33.41 -9.87 31.02
C ASN H 70 34.73 -9.98 31.78
N LEU H 71 35.30 -8.84 32.17
CA LEU H 71 36.57 -8.85 32.92
C LEU H 71 36.52 -9.92 33.99
N GLU H 72 35.53 -9.83 34.86
CA GLU H 72 35.36 -10.80 35.95
C GLU H 72 35.24 -12.19 35.37
N ILE H 73 34.13 -12.41 34.66
CA ILE H 73 33.85 -13.69 34.01
C ILE H 73 35.16 -14.33 33.59
N LEU H 74 35.95 -13.57 32.83
CA LEU H 74 37.23 -14.03 32.34
C LEU H 74 38.23 -14.26 33.45
N THR H 75 38.32 -13.33 34.40
CA THR H 75 39.25 -13.47 35.52
C THR H 75 39.02 -14.84 36.14
N LYS H 76 37.75 -15.15 36.41
CA LYS H 76 37.38 -16.44 36.99
C LYS H 76 37.70 -17.57 36.02
N ARG H 77 37.34 -17.36 34.75
CA ARG H 77 37.57 -18.36 33.70
C ARG H 77 39.06 -18.60 33.46
N SER H 78 39.88 -17.64 33.86
CA SER H 78 41.33 -17.76 33.68
C SER H 78 41.98 -18.10 35.02
N ASN H 79 41.15 -18.49 35.98
CA ASN H 79 41.65 -18.85 37.30
C ASN H 79 42.46 -17.73 37.93
N SER H 80 42.07 -16.50 37.61
CA SER H 80 42.73 -15.31 38.15
C SER H 80 44.13 -15.05 37.58
N THR H 81 44.32 -15.34 36.29
CA THR H 81 45.61 -15.09 35.67
C THR H 81 45.79 -13.58 35.58
N PRO H 82 46.85 -13.05 36.20
CA PRO H 82 47.12 -11.60 36.20
C PRO H 82 47.72 -11.02 34.93
N ALA H 83 47.77 -9.69 34.88
CA ALA H 83 48.34 -8.99 33.76
C ALA H 83 49.82 -8.88 34.06
N THR H 84 50.65 -8.89 33.01
CA THR H 84 52.09 -8.78 33.19
C THR H 84 52.55 -7.36 32.92
N ASN H 85 53.21 -6.76 33.91
CA ASN H 85 53.70 -5.40 33.77
C ASN H 85 54.63 -5.27 32.57
N GLU H 86 54.73 -4.06 32.03
CA GLU H 86 55.58 -3.80 30.88
C GLU H 86 56.00 -2.34 30.86
N ALA H 87 57.30 -2.11 30.83
CA ALA H 87 57.85 -0.75 30.82
C ALA H 87 57.62 -0.06 29.47
N PRO H 88 57.33 1.25 29.50
CA PRO H 88 57.10 2.05 28.31
C PRO H 88 58.39 2.57 27.69
N GLN H 89 58.29 3.64 26.91
CA GLN H 89 59.44 4.25 26.26
C GLN H 89 59.08 5.60 25.66
N ALA H 90 59.17 6.65 26.47
CA ALA H 90 58.85 8.00 26.01
C ALA H 90 59.68 8.40 24.79
N THR H 91 59.28 9.48 24.14
CA THR H 91 59.96 9.99 22.96
C THR H 91 59.54 11.44 22.74
N VAL H 92 60.23 12.35 23.43
CA VAL H 92 59.92 13.78 23.34
C VAL H 92 60.46 14.49 22.10
N PHE H 93 59.80 15.59 21.75
CA PHE H 93 60.16 16.43 20.61
C PHE H 93 59.17 17.58 20.54
N PRO H 94 59.44 18.61 19.72
CA PRO H 94 58.52 19.75 19.61
C PRO H 94 57.52 19.70 18.47
N LYS H 95 56.56 20.63 18.51
CA LYS H 95 55.53 20.74 17.49
C LYS H 95 56.10 21.41 16.25
N SER H 96 56.25 22.74 16.33
CA SER H 96 56.79 23.51 15.22
C SER H 96 58.31 23.66 15.37
N PRO H 97 59.01 23.98 14.28
CA PRO H 97 60.48 24.14 14.30
C PRO H 97 61.02 24.71 15.60
N VAL H 98 62.14 24.15 16.06
CA VAL H 98 62.76 24.59 17.30
C VAL H 98 63.33 26.00 17.14
N LEU H 99 62.45 26.99 17.12
CA LEU H 99 62.83 28.38 16.98
C LEU H 99 62.71 29.04 18.35
N LEU H 100 63.71 29.84 18.70
CA LEU H 100 63.73 30.53 19.99
C LEU H 100 62.68 31.62 20.09
N GLY H 101 62.12 31.80 21.29
CA GLY H 101 61.10 32.80 21.50
C GLY H 101 59.82 32.44 20.77
N GLN H 102 59.79 31.22 20.25
CA GLN H 102 58.64 30.71 19.52
C GLN H 102 57.82 29.76 20.38
N PRO H 103 56.69 30.22 20.92
CA PRO H 103 55.88 29.33 21.76
C PRO H 103 55.56 28.04 21.01
N ASN H 104 55.87 26.92 21.64
CA ASN H 104 55.62 25.62 21.03
C ASN H 104 55.00 24.66 22.04
N THR H 105 55.20 23.37 21.82
CA THR H 105 54.65 22.36 22.69
C THR H 105 55.52 21.10 22.68
N LEU H 106 55.89 20.64 23.88
CA LEU H 106 56.72 19.45 24.01
C LEU H 106 55.92 18.16 24.05
N ILE H 107 56.09 17.36 23.01
CA ILE H 107 55.40 16.08 22.90
C ILE H 107 56.18 15.02 23.65
N CYS H 108 55.50 14.00 24.15
CA CYS H 108 56.14 12.91 24.87
C CYS H 108 55.48 11.58 24.51
N PHE H 109 55.49 11.25 23.23
CA PHE H 109 54.89 10.00 22.79
C PHE H 109 55.52 8.84 23.55
N VAL H 110 54.73 8.19 24.41
CA VAL H 110 55.20 7.07 25.20
C VAL H 110 54.54 5.78 24.72
N ASP H 111 55.30 4.95 24.02
CA ASP H 111 54.75 3.68 23.53
C ASP H 111 54.83 2.62 24.61
N ASN H 112 54.45 1.41 24.20
CA ASN H 112 54.47 0.22 25.05
C ASN H 112 54.01 0.37 26.49
N ILE H 113 52.81 0.92 26.67
CA ILE H 113 52.27 1.07 28.01
C ILE H 113 51.33 -0.11 28.23
N PHE H 114 51.34 -0.66 29.44
CA PHE H 114 50.49 -1.79 29.77
C PHE H 114 50.88 -2.41 31.12
N PRO H 115 49.89 -2.57 32.02
CA PRO H 115 48.49 -2.21 31.79
C PRO H 115 48.26 -0.69 31.76
N PRO H 116 47.23 -0.26 31.01
CA PRO H 116 46.82 1.15 30.82
C PRO H 116 46.63 1.99 32.09
N VAL H 117 47.75 2.47 32.63
CA VAL H 117 47.75 3.32 33.83
C VAL H 117 49.11 4.03 33.83
N ILE H 118 49.11 5.34 34.05
CA ILE H 118 50.39 6.07 34.05
C ILE H 118 50.38 7.42 34.76
N ASN H 119 51.58 7.85 35.16
CA ASN H 119 51.78 9.13 35.84
C ASN H 119 52.80 9.98 35.07
N ILE H 120 52.70 9.97 33.75
CA ILE H 120 53.62 10.75 32.91
C ILE H 120 53.50 12.25 33.20
N THR H 121 54.56 12.84 33.76
CA THR H 121 54.54 14.27 34.08
C THR H 121 55.70 15.06 33.47
N TRP H 122 55.57 16.38 33.46
CA TRP H 122 56.57 17.27 32.89
C TRP H 122 57.41 18.03 33.92
N LEU H 123 58.69 18.23 33.58
CA LEU H 123 59.61 18.95 34.47
C LEU H 123 60.42 20.02 33.76
N ARG H 124 60.00 21.28 33.91
CA ARG H 124 60.69 22.41 33.29
C ARG H 124 62.01 22.60 34.02
N ASN H 125 63.08 22.02 33.47
CA ASN H 125 64.40 22.11 34.07
C ASN H 125 64.41 21.39 35.41
N SER H 126 64.13 20.10 35.37
CA SER H 126 64.09 19.27 36.58
C SER H 126 63.26 19.99 37.65
N LYS H 127 61.99 20.22 37.33
CA LYS H 127 61.07 20.89 38.23
C LYS H 127 59.64 20.69 37.71
N SER H 128 58.80 20.06 38.51
CA SER H 128 57.41 19.79 38.12
C SER H 128 56.69 20.99 37.49
N VAL H 129 55.99 20.73 36.40
CA VAL H 129 55.23 21.76 35.69
C VAL H 129 53.73 21.54 35.89
N THR H 130 53.12 22.39 36.70
CA THR H 130 51.69 22.29 37.01
C THR H 130 50.80 23.13 36.08
N ASP H 131 51.40 23.70 35.04
CA ASP H 131 50.63 24.53 34.11
C ASP H 131 50.79 24.16 32.64
N GLY H 132 49.89 24.67 31.81
CA GLY H 132 49.92 24.45 30.38
C GLY H 132 50.23 23.05 29.89
N VAL H 133 49.47 22.06 30.35
CA VAL H 133 49.68 20.68 29.93
C VAL H 133 48.39 20.12 29.32
N TYR H 134 48.52 19.00 28.64
CA TYR H 134 47.37 18.36 28.00
C TYR H 134 47.79 16.93 27.66
N GLU H 135 46.83 16.01 27.70
CA GLU H 135 47.14 14.61 27.44
C GLU H 135 46.23 13.98 26.39
N THR H 136 46.45 12.69 26.15
CA THR H 136 45.66 11.91 25.19
C THR H 136 45.21 10.65 25.93
N SER H 137 44.37 9.86 25.28
CA SER H 137 43.91 8.63 25.89
C SER H 137 44.70 7.48 25.27
N PHE H 138 44.78 6.37 25.99
CA PHE H 138 45.52 5.20 25.53
C PHE H 138 45.07 4.65 24.18
N PHE H 139 45.79 4.99 23.11
CA PHE H 139 45.46 4.48 21.79
C PHE H 139 45.87 3.02 21.84
N VAL H 140 45.23 2.18 21.04
CA VAL H 140 45.59 0.76 21.05
C VAL H 140 46.86 0.54 20.25
N ASN H 141 47.28 -0.72 20.21
CA ASN H 141 48.48 -1.11 19.48
C ASN H 141 48.15 -2.47 18.89
N ARG H 142 48.81 -2.83 17.80
CA ARG H 142 48.56 -4.10 17.15
C ARG H 142 48.87 -5.29 18.07
N ASP H 143 49.65 -5.03 19.12
CA ASP H 143 50.02 -6.08 20.07
C ASP H 143 49.01 -6.15 21.20
N TYR H 144 48.12 -5.15 21.25
CA TYR H 144 47.08 -5.04 22.26
C TYR H 144 47.54 -4.33 23.52
N SER H 145 48.50 -3.43 23.34
CA SER H 145 49.01 -2.63 24.45
C SER H 145 48.54 -1.23 24.09
N PHE H 146 49.00 -0.24 24.83
CA PHE H 146 48.58 1.12 24.53
C PHE H 146 49.73 2.10 24.49
N HIS H 147 49.44 3.31 24.03
CA HIS H 147 50.44 4.36 23.94
C HIS H 147 49.74 5.69 24.03
N LYS H 148 50.43 6.68 24.60
CA LYS H 148 49.85 8.00 24.77
C LYS H 148 50.80 9.09 24.31
N LEU H 149 50.46 10.32 24.66
CA LEU H 149 51.26 11.48 24.30
C LEU H 149 51.02 12.57 25.34
N SER H 150 52.09 13.15 25.86
CA SER H 150 51.97 14.22 26.84
C SER H 150 52.27 15.52 26.13
N TYR H 151 51.37 16.50 26.25
CA TYR H 151 51.56 17.78 25.60
C TYR H 151 51.93 18.86 26.61
N LEU H 152 52.99 19.61 26.29
CA LEU H 152 53.47 20.66 27.18
C LEU H 152 53.86 21.94 26.43
N THR H 153 53.01 22.96 26.52
CA THR H 153 53.30 24.23 25.86
C THR H 153 54.58 24.82 26.43
N PHE H 154 55.29 25.60 25.63
CA PHE H 154 56.53 26.21 26.08
C PHE H 154 57.18 27.06 24.99
N ILE H 155 58.21 27.81 25.38
CA ILE H 155 58.96 28.64 24.45
C ILE H 155 60.42 28.21 24.59
N PRO H 156 60.99 27.60 23.54
CA PRO H 156 62.39 27.15 23.63
C PRO H 156 63.38 28.26 23.96
N SER H 157 63.74 28.35 25.24
CA SER H 157 64.69 29.36 25.70
C SER H 157 66.01 28.71 26.11
N ASP H 158 67.10 29.42 25.87
CA ASP H 158 68.44 28.93 26.19
C ASP H 158 68.66 28.52 27.66
N ASP H 159 67.74 28.91 28.53
CA ASP H 159 67.86 28.57 29.94
C ASP H 159 66.84 27.51 30.31
N ASP H 160 66.51 26.65 29.34
CA ASP H 160 65.51 25.62 29.59
C ASP H 160 65.89 24.21 29.16
N ILE H 161 65.80 23.27 30.09
CA ILE H 161 66.11 21.87 29.84
C ILE H 161 65.01 21.03 30.51
N TYR H 162 63.99 20.68 29.74
CA TYR H 162 62.85 19.91 30.26
C TYR H 162 63.04 18.40 30.37
N ASP H 163 62.15 17.77 31.14
CA ASP H 163 62.18 16.33 31.37
C ASP H 163 60.77 15.75 31.43
N CYS H 164 60.57 14.61 30.76
CA CYS H 164 59.26 13.96 30.75
C CYS H 164 59.26 12.77 31.70
N LYS H 165 58.69 12.96 32.88
CA LYS H 165 58.61 11.89 33.86
C LYS H 165 57.57 10.88 33.41
N VAL H 166 57.81 9.60 33.68
CA VAL H 166 56.90 8.54 33.30
C VAL H 166 56.82 7.49 34.40
N GLU H 167 55.83 7.63 35.29
CA GLU H 167 55.66 6.68 36.38
C GLU H 167 54.78 5.53 35.92
N HIS H 168 55.30 4.31 36.02
CA HIS H 168 54.58 3.12 35.62
C HIS H 168 54.92 1.97 36.57
N TRP H 169 54.20 0.87 36.46
CA TRP H 169 54.43 -0.28 37.31
C TRP H 169 55.42 -1.25 36.66
N GLY H 170 55.64 -1.08 35.37
CA GLY H 170 56.60 -1.92 34.67
C GLY H 170 57.98 -1.35 34.93
N LEU H 171 58.01 -0.29 35.73
CA LEU H 171 59.25 0.39 36.08
C LEU H 171 59.49 0.34 37.59
N GLU H 172 60.74 0.19 37.98
CA GLU H 172 61.10 0.16 39.40
C GLU H 172 61.37 1.60 39.83
N GLU H 173 61.60 2.46 38.83
CA GLU H 173 61.87 3.87 39.07
C GLU H 173 61.54 4.66 37.81
N PRO H 174 60.97 5.86 37.98
CA PRO H 174 60.60 6.70 36.83
C PRO H 174 61.74 6.81 35.82
N VAL H 175 61.36 6.94 34.56
CA VAL H 175 62.35 7.11 33.49
C VAL H 175 62.22 8.56 33.04
N LEU H 176 63.32 9.28 33.03
CA LEU H 176 63.31 10.68 32.65
C LEU H 176 63.96 10.99 31.31
N LYS H 177 63.13 11.26 30.32
CA LYS H 177 63.64 11.61 29.00
C LYS H 177 63.98 13.09 29.09
N HIS H 178 65.08 13.49 28.47
CA HIS H 178 65.52 14.88 28.51
C HIS H 178 65.42 15.56 27.16
N TRP H 179 65.20 16.88 27.16
CA TRP H 179 65.12 17.63 25.92
C TRP H 179 65.47 19.11 26.09
N GLU H 180 66.46 19.54 25.32
CA GLU H 180 66.94 20.92 25.32
C GLU H 180 66.49 21.63 24.04
N PRO H 181 66.39 22.97 24.06
CA PRO H 181 65.98 23.70 22.86
C PRO H 181 66.98 23.48 21.72
N GLU H 182 67.44 24.56 21.10
CA GLU H 182 68.44 24.49 20.03
C GLU H 182 68.09 23.55 18.86
N ILE H 183 69.10 23.29 18.01
CA ILE H 183 68.95 22.41 16.86
C ILE H 183 69.61 21.07 17.14
N GLY I 1 50.29 -1.50 41.64
CA GLY I 1 50.67 -1.28 43.06
C GLY I 1 51.49 -2.43 43.63
N SER I 2 50.80 -3.47 44.11
CA SER I 2 51.48 -4.62 44.68
C SER I 2 50.52 -5.75 45.01
N GLU I 3 49.65 -6.10 44.06
CA GLU I 3 48.69 -7.18 44.28
C GLU I 3 48.50 -8.06 43.05
N ARG I 4 47.84 -7.52 42.02
CA ARG I 4 47.57 -8.23 40.78
C ARG I 4 46.49 -7.47 40.00
N HIS I 5 46.77 -7.16 38.74
CA HIS I 5 45.82 -6.42 37.91
C HIS I 5 45.36 -7.18 36.68
N PHE I 6 44.10 -6.96 36.31
CA PHE I 6 43.50 -7.60 35.14
C PHE I 6 42.82 -6.55 34.24
N VAL I 7 43.13 -6.61 32.96
CA VAL I 7 42.56 -5.68 31.98
C VAL I 7 41.75 -6.45 30.94
N HIS I 8 40.73 -5.79 30.39
CA HIS I 8 39.90 -6.40 29.35
C HIS I 8 39.78 -5.41 28.21
N GLN I 9 39.99 -5.88 26.99
CA GLN I 9 39.90 -5.00 25.82
C GLN I 9 38.83 -5.40 24.81
N PHE I 10 38.15 -4.39 24.30
CA PHE I 10 37.12 -4.58 23.29
C PHE I 10 37.59 -3.83 22.05
N GLN I 11 38.14 -4.55 21.09
CA GLN I 11 38.66 -3.92 19.89
C GLN I 11 37.80 -4.09 18.64
N PRO I 12 37.02 -3.06 18.29
CA PRO I 12 36.10 -2.98 17.15
C PRO I 12 36.79 -2.31 15.96
N PHE I 13 37.00 -3.05 14.87
CA PHE I 13 37.67 -2.50 13.70
C PHE I 13 36.84 -2.48 12.41
N CYS I 14 36.64 -1.29 11.87
CA CYS I 14 35.89 -1.12 10.62
C CYS I 14 36.93 -0.87 9.53
N TYR I 15 36.82 -1.59 8.42
CA TYR I 15 37.79 -1.44 7.33
C TYR I 15 37.13 -1.08 6.01
N PHE I 16 37.52 0.08 5.46
CA PHE I 16 36.97 0.55 4.20
C PHE I 16 37.99 0.56 3.07
N THR I 17 38.29 -0.62 2.54
CA THR I 17 39.23 -0.72 1.44
C THR I 17 38.53 -0.11 0.23
N ASN I 18 38.69 1.20 0.06
CA ASN I 18 38.07 1.95 -1.03
C ASN I 18 36.62 2.27 -0.71
N GLY I 19 36.40 3.32 0.08
CA GLY I 19 35.05 3.72 0.45
C GLY I 19 34.23 2.56 0.98
N THR I 20 32.91 2.76 1.05
CA THR I 20 32.03 1.70 1.53
C THR I 20 31.87 0.60 0.50
N GLN I 21 32.73 0.63 -0.53
CA GLN I 21 32.69 -0.37 -1.57
C GLN I 21 33.10 -1.70 -0.94
N ARG I 22 34.18 -1.67 -0.17
CA ARG I 22 34.69 -2.87 0.49
C ARG I 22 34.86 -2.62 1.99
N ILE I 23 33.94 -3.17 2.79
CA ILE I 23 34.01 -3.00 4.23
C ILE I 23 34.16 -4.32 4.97
N ARG I 24 35.11 -4.35 5.90
CA ARG I 24 35.34 -5.55 6.69
C ARG I 24 35.36 -5.14 8.16
N LEU I 25 34.41 -5.67 8.93
CA LEU I 25 34.34 -5.36 10.35
C LEU I 25 35.03 -6.44 11.18
N VAL I 26 35.90 -6.02 12.08
CA VAL I 26 36.63 -6.95 12.93
C VAL I 26 36.57 -6.53 14.39
N ILE I 27 36.07 -7.41 15.25
CA ILE I 27 35.99 -7.11 16.67
C ILE I 27 36.84 -8.10 17.43
N ARG I 28 37.76 -7.58 18.25
CA ARG I 28 38.63 -8.42 19.03
C ARG I 28 38.30 -8.32 20.51
N TYR I 29 38.12 -9.46 21.15
CA TYR I 29 37.80 -9.51 22.56
C TYR I 29 39.06 -10.03 23.26
N ILE I 30 39.67 -9.20 24.09
CA ILE I 30 40.91 -9.59 24.75
C ILE I 30 40.95 -9.58 26.27
N TYR I 31 41.76 -10.48 26.82
CA TYR I 31 41.95 -10.61 28.26
C TYR I 31 43.42 -10.31 28.56
N ASN I 32 43.68 -9.14 29.14
CA ASN I 32 45.03 -8.72 29.50
C ASN I 32 46.02 -8.63 28.35
N ARG I 33 45.79 -9.36 27.27
CA ARG I 33 46.66 -9.39 26.09
C ARG I 33 46.21 -10.54 25.19
N GLU I 34 45.83 -11.64 25.83
CA GLU I 34 45.39 -12.82 25.11
C GLU I 34 43.99 -12.66 24.54
N GLU I 35 43.91 -12.41 23.25
CA GLU I 35 42.63 -12.26 22.58
C GLU I 35 42.07 -13.68 22.58
N TYR I 36 40.95 -13.91 23.27
CA TYR I 36 40.37 -15.23 23.34
C TYR I 36 39.38 -15.54 22.23
N VAL I 37 38.56 -14.55 21.86
CA VAL I 37 37.59 -14.73 20.80
C VAL I 37 37.43 -13.42 20.04
N ARG I 38 37.17 -13.51 18.74
CA ARG I 38 37.02 -12.31 17.94
C ARG I 38 36.12 -12.55 16.73
N PHE I 39 35.65 -11.45 16.14
CA PHE I 39 34.79 -11.54 14.97
C PHE I 39 35.33 -10.72 13.81
N ASP I 40 35.08 -11.21 12.60
CA ASP I 40 35.53 -10.56 11.39
C ASP I 40 34.55 -10.91 10.28
N SER I 41 34.01 -9.91 9.61
CA SER I 41 33.04 -10.12 8.54
C SER I 41 33.46 -11.29 7.65
N ASP I 42 34.71 -11.26 7.18
CA ASP I 42 35.24 -12.31 6.34
C ASP I 42 34.85 -13.66 6.91
N VAL I 43 35.33 -13.92 8.13
CA VAL I 43 35.05 -15.17 8.83
C VAL I 43 33.59 -15.54 8.67
N GLY I 44 32.72 -14.52 8.77
CA GLY I 44 31.30 -14.74 8.65
C GLY I 44 30.68 -15.12 9.98
N GLU I 45 31.43 -14.92 11.07
CA GLU I 45 30.94 -15.27 12.40
C GLU I 45 31.99 -15.00 13.48
N TYR I 46 31.62 -15.31 14.71
CA TYR I 46 32.51 -15.15 15.85
C TYR I 46 33.37 -16.40 15.88
N ARG I 47 34.57 -16.28 16.41
CA ARG I 47 35.47 -17.41 16.50
C ARG I 47 36.40 -17.19 17.68
N ALA I 48 36.54 -18.22 18.50
CA ALA I 48 37.39 -18.14 19.68
C ALA I 48 38.78 -18.64 19.36
N VAL I 49 39.72 -17.71 19.20
CA VAL I 49 41.09 -18.07 18.89
C VAL I 49 41.64 -19.02 19.94
N THR I 50 41.76 -18.55 21.18
CA THR I 50 42.27 -19.38 22.26
C THR I 50 41.16 -20.27 22.83
N GLU I 51 41.51 -21.09 23.80
CA GLU I 51 40.56 -21.99 24.44
C GLU I 51 39.65 -21.19 25.35
N LEU I 52 40.19 -20.15 25.96
CA LEU I 52 39.43 -19.29 26.86
C LEU I 52 38.20 -18.74 26.16
N GLY I 53 38.31 -18.50 24.86
CA GLY I 53 37.18 -17.97 24.11
C GLY I 53 36.15 -19.03 23.79
N ARG I 54 36.60 -20.28 23.70
CA ARG I 54 35.74 -21.42 23.38
C ARG I 54 34.30 -21.31 23.91
N PRO I 55 34.13 -20.95 25.19
CA PRO I 55 32.76 -20.83 25.72
C PRO I 55 31.95 -19.71 25.08
N ASP I 56 32.29 -18.47 25.42
CA ASP I 56 31.59 -17.30 24.85
C ASP I 56 31.30 -17.54 23.37
N ALA I 57 32.33 -17.98 22.66
CA ALA I 57 32.28 -18.25 21.22
C ALA I 57 30.91 -18.69 20.68
N GLU I 58 30.68 -19.99 20.64
CA GLU I 58 29.42 -20.53 20.12
C GLU I 58 28.19 -19.87 20.73
N TYR I 59 28.32 -19.42 21.98
CA TYR I 59 27.21 -18.76 22.67
C TYR I 59 26.79 -17.53 21.87
N TRP I 60 27.73 -16.62 21.64
CA TRP I 60 27.46 -15.41 20.89
C TRP I 60 26.99 -15.75 19.48
N ASN I 61 27.72 -16.66 18.83
CA ASN I 61 27.41 -17.09 17.48
C ASN I 61 25.93 -17.42 17.25
N LYS I 62 25.31 -18.07 18.23
CA LYS I 62 23.91 -18.45 18.10
C LYS I 62 22.95 -17.50 18.81
N GLN I 63 23.20 -16.20 18.69
CA GLN I 63 22.36 -15.17 19.31
C GLN I 63 22.75 -13.77 18.83
N TYR I 64 23.78 -13.21 19.46
CA TYR I 64 24.29 -11.87 19.15
C TYR I 64 25.02 -11.83 17.79
N LEU I 65 24.89 -12.89 17.01
CA LEU I 65 25.54 -12.97 15.71
C LEU I 65 24.90 -12.05 14.68
N GLU I 66 23.58 -12.18 14.52
CA GLU I 66 22.85 -11.36 13.57
C GLU I 66 23.03 -9.90 13.94
N ARG I 67 22.79 -9.58 15.21
CA ARG I 67 22.94 -8.23 15.71
C ARG I 67 24.36 -7.72 15.46
N THR I 68 25.28 -8.65 15.22
CA THR I 68 26.67 -8.29 14.97
C THR I 68 26.85 -7.83 13.53
N ARG I 69 26.48 -8.69 12.58
CA ARG I 69 26.61 -8.38 11.16
C ARG I 69 25.95 -7.05 10.84
N ALA I 70 24.79 -6.82 11.45
CA ALA I 70 24.05 -5.57 11.23
C ALA I 70 24.98 -4.38 11.44
N GLU I 71 25.84 -4.49 12.44
CA GLU I 71 26.79 -3.43 12.75
C GLU I 71 27.57 -3.00 11.52
N LEU I 72 27.70 -3.90 10.56
CA LEU I 72 28.43 -3.60 9.32
C LEU I 72 27.93 -2.26 8.80
N ASP I 73 26.61 -2.14 8.65
CA ASP I 73 25.99 -0.93 8.16
C ASP I 73 25.63 -0.01 9.32
N THR I 74 24.97 -0.57 10.33
CA THR I 74 24.55 0.20 11.50
C THR I 74 25.70 0.94 12.18
N VAL I 75 26.92 0.43 11.99
CA VAL I 75 28.10 1.05 12.57
C VAL I 75 29.08 1.48 11.49
N CYS I 76 29.84 0.52 10.97
CA CYS I 76 30.83 0.81 9.93
C CYS I 76 30.25 1.73 8.86
N ARG I 77 29.57 1.14 7.87
CA ARG I 77 28.97 1.91 6.78
C ARG I 77 28.46 3.27 7.22
N HIS I 78 27.28 3.28 7.84
CA HIS I 78 26.63 4.50 8.31
C HIS I 78 27.56 5.52 8.96
N ASN I 79 28.38 5.09 9.91
CA ASN I 79 29.31 6.00 10.59
C ASN I 79 30.20 6.68 9.57
N TYR I 80 30.89 5.87 8.78
CA TYR I 80 31.78 6.36 7.74
C TYR I 80 31.05 7.37 6.85
N GLU I 81 30.07 6.88 6.11
CA GLU I 81 29.27 7.67 5.19
C GLU I 81 28.62 8.94 5.72
N LYS I 82 28.22 8.95 6.99
CA LYS I 82 27.55 10.12 7.54
C LYS I 82 28.27 10.90 8.65
N THR I 83 29.43 10.42 9.09
CA THR I 83 30.17 11.13 10.13
C THR I 83 31.62 11.34 9.72
N GLU I 84 32.33 10.26 9.42
CA GLU I 84 33.73 10.36 9.01
C GLU I 84 33.84 11.30 7.81
N THR I 85 33.03 11.03 6.80
CA THR I 85 33.00 11.82 5.57
C THR I 85 33.11 13.34 5.78
N PRO I 86 32.11 13.98 6.40
CA PRO I 86 32.19 15.43 6.58
C PRO I 86 32.97 15.94 7.79
N THR I 87 34.02 15.23 8.18
CA THR I 87 34.84 15.66 9.31
C THR I 87 36.30 15.25 9.10
N SER I 88 36.62 14.03 9.47
CA SER I 88 37.97 13.51 9.31
C SER I 88 38.31 13.48 7.83
N LEU I 89 37.48 12.79 7.06
CA LEU I 89 37.68 12.67 5.63
C LEU I 89 37.67 14.04 4.94
N ARG I 90 37.17 15.04 5.65
CA ARG I 90 37.12 16.39 5.10
C ARG I 90 38.36 17.17 5.51
N ARG I 91 38.80 16.98 6.75
CA ARG I 91 39.98 17.67 7.27
C ARG I 91 41.20 17.48 6.38
N LEU I 92 41.81 18.59 5.98
CA LEU I 92 43.00 18.57 5.15
C LEU I 92 43.79 19.82 5.45
N GLU I 93 44.95 19.65 6.08
CA GLU I 93 45.79 20.78 6.45
C GLU I 93 47.11 20.82 5.68
N GLN I 94 47.29 21.88 4.89
CA GLN I 94 48.51 22.03 4.11
C GLN I 94 49.71 22.12 5.04
N PRO I 95 50.69 21.22 4.87
CA PRO I 95 51.91 21.15 5.68
C PRO I 95 52.65 22.47 5.87
N SER I 96 53.86 22.40 6.42
CA SER I 96 54.69 23.58 6.67
C SER I 96 56.16 23.25 6.41
N VAL I 97 56.71 23.87 5.37
CA VAL I 97 58.11 23.65 4.99
C VAL I 97 59.09 24.66 5.57
N VAL I 98 60.26 24.16 6.00
CA VAL I 98 61.30 25.02 6.57
C VAL I 98 62.66 24.33 6.49
N ILE I 99 63.47 24.72 5.51
CA ILE I 99 64.80 24.14 5.33
C ILE I 99 65.77 24.54 6.43
N SER I 100 66.60 23.59 6.86
CA SER I 100 67.59 23.83 7.92
C SER I 100 68.93 23.22 7.53
N LEU I 101 69.91 23.30 8.43
CA LEU I 101 71.24 22.76 8.17
C LEU I 101 71.76 21.86 9.29
N SER I 102 72.19 20.67 8.93
CA SER I 102 72.75 19.71 9.89
C SER I 102 74.13 20.24 10.26
N ARG I 103 75.17 19.77 9.58
CA ARG I 103 76.51 20.29 9.87
C ARG I 103 76.49 21.71 9.33
N THR I 104 76.19 22.66 10.19
CA THR I 104 76.10 24.06 9.79
C THR I 104 77.40 24.61 9.24
N GLU I 105 77.32 24.85 7.96
CA GLU I 105 78.38 25.47 7.16
C GLU I 105 79.61 24.56 7.00
N ALA I 106 80.47 25.11 6.20
CA ALA I 106 81.78 24.58 5.78
C ALA I 106 82.20 25.33 4.51
N LEU I 107 81.29 25.62 3.61
CA LEU I 107 81.70 26.35 2.40
C LEU I 107 82.74 25.52 1.64
N ASN I 108 82.25 24.45 1.01
CA ASN I 108 83.04 23.50 0.23
C ASN I 108 83.40 22.21 0.99
N HIS I 109 82.55 21.81 1.93
CA HIS I 109 82.79 20.60 2.71
C HIS I 109 81.52 19.80 3.05
N HIS I 110 81.66 18.87 4.00
CA HIS I 110 80.56 18.00 4.44
C HIS I 110 79.41 18.75 5.11
N ASN I 111 78.22 18.66 4.52
CA ASN I 111 77.05 19.32 5.06
C ASN I 111 75.78 18.50 4.85
N THR I 112 74.68 18.97 5.43
CA THR I 112 73.39 18.30 5.30
C THR I 112 72.28 19.25 5.68
N LEU I 113 71.21 19.28 4.89
CA LEU I 113 70.08 20.14 5.16
C LEU I 113 68.92 19.32 5.72
N VAL I 114 67.84 20.00 6.11
CA VAL I 114 66.65 19.34 6.65
C VAL I 114 65.41 20.14 6.29
N CYS I 115 64.67 19.70 5.28
CA CYS I 115 63.48 20.40 4.84
C CYS I 115 62.45 20.63 5.95
N SER I 116 62.26 19.63 6.81
CA SER I 116 61.32 19.74 7.93
C SER I 116 59.87 20.10 7.58
N VAL I 117 59.01 19.09 7.45
CA VAL I 117 57.60 19.30 7.14
C VAL I 117 56.76 19.07 8.38
N THR I 118 56.09 20.13 8.86
CA THR I 118 55.26 20.01 10.06
C THR I 118 53.76 19.98 9.81
N ASP I 119 53.02 19.74 10.90
CA ASP I 119 51.56 19.68 10.92
C ASP I 119 50.84 19.62 9.57
N PHE I 120 50.66 18.40 9.05
CA PHE I 120 49.96 18.22 7.78
C PHE I 120 48.98 17.05 7.84
N TYR I 121 47.82 17.23 7.22
CA TYR I 121 46.82 16.19 7.20
C TYR I 121 46.25 15.93 5.81
N PRO I 122 46.09 14.66 5.43
CA PRO I 122 46.41 13.48 6.25
C PRO I 122 47.87 13.09 6.14
N ALA I 123 48.11 11.80 5.90
CA ALA I 123 49.45 11.28 5.75
C ALA I 123 49.86 11.44 4.30
N LYS I 124 50.26 10.34 3.67
CA LYS I 124 50.68 10.33 2.26
C LYS I 124 51.21 11.67 1.77
N ILE I 125 52.53 11.79 1.74
CA ILE I 125 53.17 13.01 1.27
C ILE I 125 54.46 12.63 0.56
N LYS I 126 54.82 13.40 -0.46
CA LYS I 126 56.04 13.14 -1.21
C LYS I 126 56.90 14.38 -1.24
N VAL I 127 57.81 14.49 -0.28
CA VAL I 127 58.70 15.62 -0.19
C VAL I 127 60.11 15.21 -0.60
N ARG I 128 60.60 15.75 -1.73
CA ARG I 128 61.93 15.40 -2.22
C ARG I 128 62.86 16.61 -2.29
N TRP I 129 64.14 16.33 -2.52
CA TRP I 129 65.17 17.38 -2.61
C TRP I 129 65.62 17.62 -4.05
N PHE I 130 65.73 18.89 -4.41
CA PHE I 130 66.15 19.29 -5.76
C PHE I 130 67.50 20.00 -5.68
N ARG I 131 68.48 19.51 -6.43
CA ARG I 131 69.79 20.15 -6.45
C ARG I 131 70.06 20.65 -7.86
N ASN I 132 69.74 21.92 -8.08
CA ASN I 132 69.92 22.54 -9.40
C ASN I 132 68.92 21.98 -10.38
N GLY I 133 67.64 22.17 -10.07
CA GLY I 133 66.59 21.66 -10.95
C GLY I 133 66.91 20.24 -11.36
N GLN I 134 67.49 19.48 -10.44
CA GLN I 134 67.85 18.09 -10.69
C GLN I 134 67.63 17.27 -9.43
N GLU I 135 66.58 16.47 -9.44
CA GLU I 135 66.23 15.62 -8.31
C GLU I 135 67.38 14.73 -7.86
N GLU I 136 67.75 14.85 -6.60
CA GLU I 136 68.83 14.04 -6.04
C GLU I 136 68.24 13.03 -5.07
N THR I 137 68.56 11.75 -5.28
CA THR I 137 68.05 10.67 -4.44
C THR I 137 69.17 9.96 -3.68
N VAL I 138 70.38 10.51 -3.74
CA VAL I 138 71.52 9.90 -3.06
C VAL I 138 71.72 10.43 -1.65
N GLY I 139 72.35 11.60 -1.53
CA GLY I 139 72.58 12.19 -0.23
C GLY I 139 71.29 12.70 0.38
N VAL I 140 70.25 11.89 0.28
CA VAL I 140 68.93 12.26 0.80
C VAL I 140 68.40 11.23 1.79
N SER I 141 68.21 11.67 3.04
CA SER I 141 67.70 10.79 4.08
C SER I 141 66.44 11.40 4.70
N SER I 142 65.32 10.71 4.57
CA SER I 142 64.06 11.21 5.11
C SER I 142 63.51 10.35 6.25
N THR I 143 63.06 11.03 7.31
CA THR I 143 62.51 10.38 8.48
C THR I 143 61.17 9.74 8.15
N GLN I 144 60.63 8.98 9.10
CA GLN I 144 59.33 8.34 8.90
C GLN I 144 58.26 9.39 9.16
N LEU I 145 57.02 9.06 8.83
CA LEU I 145 55.92 9.99 9.05
C LEU I 145 55.68 10.07 10.55
N ILE I 146 55.72 11.28 11.09
CA ILE I 146 55.51 11.48 12.52
C ILE I 146 54.05 11.81 12.81
N ARG I 147 53.39 10.94 13.58
CA ARG I 147 52.01 11.19 13.95
C ARG I 147 52.04 12.14 15.13
N ASN I 148 51.71 13.39 14.88
CA ASN I 148 51.72 14.41 15.93
C ASN I 148 50.72 14.09 17.04
N GLY I 149 49.79 13.20 16.75
CA GLY I 149 48.80 12.83 17.74
C GLY I 149 47.60 13.75 17.83
N ASP I 150 47.84 15.05 17.76
CA ASP I 150 46.76 16.03 17.82
C ASP I 150 46.08 16.12 16.46
N TRP I 151 46.11 15.02 15.72
CA TRP I 151 45.49 14.92 14.41
C TRP I 151 46.27 15.52 13.25
N THR I 152 47.58 15.66 13.44
CA THR I 152 48.42 16.23 12.39
C THR I 152 49.57 15.28 12.07
N PHE I 153 50.51 15.75 11.26
CA PHE I 153 51.66 14.95 10.88
C PHE I 153 52.87 15.85 10.68
N GLN I 154 54.05 15.24 10.64
CA GLN I 154 55.29 15.97 10.43
C GLN I 154 56.42 15.03 10.02
N VAL I 155 57.23 15.46 9.06
CA VAL I 155 58.34 14.65 8.57
C VAL I 155 59.40 15.54 7.95
N LEU I 156 60.61 15.48 8.51
CA LEU I 156 61.71 16.28 8.01
C LEU I 156 62.66 15.47 7.15
N VAL I 157 63.04 16.03 6.01
CA VAL I 157 63.95 15.37 5.09
C VAL I 157 65.31 16.03 5.16
N MET I 158 66.36 15.23 5.32
CA MET I 158 67.72 15.75 5.39
C MET I 158 68.44 15.45 4.08
N LEU I 159 69.50 16.21 3.80
CA LEU I 159 70.26 16.00 2.58
C LEU I 159 71.72 16.40 2.72
N GLU I 160 72.60 15.40 2.66
CA GLU I 160 74.03 15.63 2.78
C GLU I 160 74.59 16.20 1.48
N MET I 161 75.43 17.23 1.60
CA MET I 161 76.02 17.86 0.43
C MET I 161 77.30 18.62 0.75
N THR I 162 77.70 19.46 -0.20
CA THR I 162 78.89 20.28 -0.07
C THR I 162 78.43 21.71 -0.33
N PRO I 163 78.26 22.51 0.74
CA PRO I 163 77.81 23.91 0.62
C PRO I 163 78.49 24.65 -0.53
N ARG I 164 77.91 24.54 -1.72
CA ARG I 164 78.46 25.20 -2.91
C ARG I 164 77.54 26.35 -3.33
N ARG I 165 78.14 27.49 -3.68
CA ARG I 165 77.39 28.65 -4.12
C ARG I 165 76.97 28.47 -5.59
N GLY I 166 75.78 28.96 -5.93
CA GLY I 166 75.30 28.83 -7.28
C GLY I 166 74.56 27.51 -7.45
N GLU I 167 74.76 26.63 -6.47
CA GLU I 167 74.13 25.32 -6.46
C GLU I 167 72.70 25.41 -5.95
N VAL I 168 71.74 25.06 -6.81
CA VAL I 168 70.34 25.10 -6.43
C VAL I 168 69.97 24.02 -5.44
N TYR I 169 69.27 24.40 -4.38
CA TYR I 169 68.84 23.45 -3.35
C TYR I 169 67.36 23.70 -3.09
N THR I 170 66.52 22.96 -3.80
CA THR I 170 65.06 23.07 -3.68
C THR I 170 64.46 21.87 -2.98
N CYS I 171 63.26 22.04 -2.43
CA CYS I 171 62.58 20.97 -1.72
C CYS I 171 61.19 20.75 -2.29
N HIS I 172 60.98 19.60 -2.93
CA HIS I 172 59.70 19.28 -3.53
C HIS I 172 58.68 18.66 -2.58
N VAL I 173 57.87 19.53 -1.97
CA VAL I 173 56.84 19.07 -1.04
C VAL I 173 55.56 18.79 -1.80
N GLU I 174 55.26 17.52 -2.02
CA GLU I 174 54.05 17.11 -2.74
C GLU I 174 53.03 16.57 -1.75
N HIS I 175 51.79 17.05 -1.86
CA HIS I 175 50.73 16.60 -0.96
C HIS I 175 49.35 16.96 -1.53
N PRO I 176 48.34 16.13 -1.26
CA PRO I 176 46.99 16.40 -1.77
C PRO I 176 46.31 17.58 -1.11
N SER I 177 46.82 18.00 0.06
CA SER I 177 46.25 19.14 0.75
C SER I 177 46.66 20.41 0.03
N LEU I 178 47.15 20.25 -1.20
CA LEU I 178 47.60 21.35 -2.03
C LEU I 178 47.51 20.95 -3.51
N LYS I 179 46.96 21.84 -4.32
CA LYS I 179 46.80 21.61 -5.75
C LYS I 179 48.11 21.43 -6.50
N SER I 180 49.16 22.14 -6.04
CA SER I 180 50.47 22.07 -6.67
C SER I 180 51.58 22.26 -5.65
N PRO I 181 52.42 21.23 -5.44
CA PRO I 181 53.55 21.19 -4.51
C PRO I 181 54.15 22.53 -4.08
N ILE I 182 54.31 22.70 -2.78
CA ILE I 182 54.92 23.90 -2.22
C ILE I 182 56.40 23.55 -2.04
N THR I 183 57.23 24.11 -2.91
CA THR I 183 58.66 23.84 -2.87
C THR I 183 59.48 24.97 -2.24
N VAL I 184 60.53 24.60 -1.51
CA VAL I 184 61.38 25.57 -0.84
C VAL I 184 62.83 25.55 -1.30
N GLU I 185 63.34 26.74 -1.67
CA GLU I 185 64.71 26.88 -2.13
C GLU I 185 65.57 27.42 -0.98
N TRP I 186 66.61 26.68 -0.63
CA TRP I 186 67.51 27.02 0.47
C TRP I 186 68.18 28.40 0.31
N ARG I 187 69.44 28.40 -0.12
CA ARG I 187 70.25 29.60 -0.30
C ARG I 187 71.70 29.15 -0.10
N ALA I 188 72.20 28.40 -1.08
CA ALA I 188 73.55 27.86 -1.04
C ALA I 188 74.67 28.88 -1.06
N GLY J 1 21.36 16.79 15.34
CA GLY J 1 22.53 15.90 15.49
C GLY J 1 22.63 14.85 14.41
N ASN J 2 23.84 14.36 14.22
CA ASN J 2 24.14 13.33 13.24
C ASN J 2 24.67 12.16 14.06
N SER J 3 23.77 11.24 14.43
CA SER J 3 24.08 10.10 15.28
C SER J 3 24.95 8.93 14.80
N HIS J 4 25.85 8.48 15.68
CA HIS J 4 26.69 7.31 15.42
C HIS J 4 26.71 6.43 16.66
N ARG J 5 26.92 5.13 16.45
CA ARG J 5 26.97 4.18 17.54
C ARG J 5 28.09 3.21 17.20
N GLY J 6 28.96 2.93 18.16
CA GLY J 6 30.03 2.01 17.90
C GLY J 6 29.50 0.60 18.08
N ALA J 7 30.35 -0.39 17.86
CA ALA J 7 29.95 -1.79 18.04
C ALA J 7 29.41 -1.90 19.46
N ILE J 8 28.95 -3.10 19.81
CA ILE J 8 28.42 -3.37 21.14
C ILE J 8 29.16 -4.54 21.76
N GLU J 9 29.54 -4.38 23.03
CA GLU J 9 30.21 -5.45 23.74
C GLU J 9 29.10 -6.31 24.29
N TRP J 10 29.34 -7.61 24.43
CA TRP J 10 28.29 -8.49 24.90
C TRP J 10 28.48 -8.98 26.33
N GLU J 11 28.72 -10.27 26.47
CA GLU J 11 28.92 -10.90 27.77
C GLU J 11 28.84 -12.37 27.45
N GLY J 12 29.44 -13.22 28.28
CA GLY J 12 29.38 -14.62 27.97
C GLY J 12 29.37 -15.62 29.11
N ILE J 13 29.02 -16.85 28.74
CA ILE J 13 28.98 -17.99 29.64
C ILE J 13 28.45 -17.71 31.04
N GLU J 14 29.26 -18.08 32.03
CA GLU J 14 28.99 -17.94 33.45
C GLU J 14 28.62 -19.32 33.98
N SER J 15 29.37 -20.32 33.51
CA SER J 15 29.15 -21.70 33.92
C SER J 15 30.45 -22.49 33.76
N GLY J 16 30.42 -23.76 34.19
CA GLY J 16 31.58 -24.63 34.11
C GLY J 16 32.51 -24.43 32.93
#